data_2A0Z
#
_entry.id   2A0Z
#
_cell.length_a   141.603
_cell.length_b   160.795
_cell.length_c   122.543
_cell.angle_alpha   90.00
_cell.angle_beta   90.00
_cell.angle_gamma   90.00
#
_symmetry.space_group_name_H-M   'C 2 2 21'
#
loop_
_entity.id
_entity.type
_entity.pdbx_description
1 polymer 'Toll-like receptor 3'
2 branched 2-acetamido-2-deoxy-beta-D-glucopyranose-(1-4)-2-acetamido-2-deoxy-beta-D-glucopyranose
3 branched beta-D-mannopyranose-(1-4)-2-acetamido-2-deoxy-beta-D-glucopyranose-(1-4)-2-acetamido-2-deoxy-beta-D-glucopyranose
4 branched 2-acetamido-2-deoxy-beta-D-glucopyranose-(1-4)-[alpha-L-fucopyranose-(1-6)]2-acetamido-2-deoxy-beta-D-glucopyranose
5 branched alpha-D-mannopyranose-(1-3)-[beta-D-mannopyranose-(1-6)]beta-D-mannopyranose-(1-4)-2-acetamido-2-deoxy-beta-D-glucopyranose-(1-4)-2-acetamido-2-deoxy-beta-D-glucopyranose
6 branched 2-acetamido-2-deoxy-alpha-D-glucopyranose-(1-4)-2-acetamido-2-deoxy-beta-D-glucopyranose
7 non-polymer 2-acetamido-2-deoxy-beta-D-glucopyranose
8 non-polymer alpha-D-glucopyranose
9 non-polymer 'SULFATE ION'
10 non-polymer BETA-MERCAPTOETHANOL
11 water water
#
_entity_poly.entity_id   1
_entity_poly.type   'polypeptide(L)'
_entity_poly.pdbx_seq_one_letter_code
;ASSTTKCTVSHEVADCSHLKLTQVPDDLPTNITVLNLTHNQLRRLPAANFTRYSQLTSLDVGFNTISKLEPELCQKLPML
KVLNLQHNELSQLSDKTFAFCTNLTELHLMSNSIQKIKNNPFVKQKNLITLDLSHNGLSSTKLGTQVQLENLQELLLSNN
KIQALKSEELDIFANSSLKKLELSSNQIKEFSPGCFHAIGRLFGLFLNNVQLGPSLTEKLCLELANTSIRNLSLSNSQLS
TTSNTTFLGLKWTNLTMLDLSYNNLNVVGNDSFAWLPQLEYFFLEYNNIQHLFSHSLHGLFNVRYLNLKRSFTKQSISLA
SLPKIDDFSFQWLKCLEHLNMEDNDIPGIKSNMFTGLINLKYLSLSNSFTSLRTLTNETFVSLAHSPLHILNLTKNKISK
IESDAFSWLGHLEVLDLGLNEIGQELTGQEWRGLENIFEIYLSYNKYLQLTRNSFALVPSLQRLMLRRVALKNVDSSPSP
FQPLRNLTILDLSNNNIANINDDMLEGLEKLEILDLQHNNLARLWKHANPGGPIYFLKGLSHLHILNLESNGFDEIPVEV
FKDLFELKIIDLGLNNLNTLPASVFNNQVSLKSLNLQKNLITSVEKKVFGPAFRNLTELDMRFNPFDCTCESIAWFVNWI
NETHTNIPELSSHYLCNTPPHYHGFPVRLFDTSSCKDSAPFEENLYFQGDYKDDDDKGSHHHHHH
;
_entity_poly.pdbx_strand_id   A
#
loop_
_chem_comp.id
_chem_comp.type
_chem_comp.name
_chem_comp.formula
BMA D-saccharide, beta linking beta-D-mannopyranose 'C6 H12 O6'
BME non-polymer BETA-MERCAPTOETHANOL 'C2 H6 O S'
FUC L-saccharide, alpha linking alpha-L-fucopyranose 'C6 H12 O5'
GLC D-saccharide, alpha linking alpha-D-glucopyranose 'C6 H12 O6'
MAN D-saccharide, alpha linking alpha-D-mannopyranose 'C6 H12 O6'
NAG D-saccharide, beta linking 2-acetamido-2-deoxy-beta-D-glucopyranose 'C8 H15 N O6'
NDG D-saccharide, alpha linking 2-acetamido-2-deoxy-alpha-D-glucopyranose 'C8 H15 N O6'
SO4 non-polymer 'SULFATE ION' 'O4 S -2'
#
# COMPACT_ATOMS: atom_id res chain seq x y z
N THR A 5 23.91 22.48 14.85
CA THR A 5 24.97 23.47 15.21
C THR A 5 25.51 24.20 13.98
N LYS A 6 25.92 23.43 12.97
CA LYS A 6 26.47 23.96 11.71
C LYS A 6 25.98 23.13 10.51
N CYS A 7 26.35 23.56 9.30
CA CYS A 7 25.96 22.88 8.07
C CYS A 7 26.71 21.57 7.86
N THR A 8 26.02 20.59 7.25
CA THR A 8 26.61 19.28 6.96
C THR A 8 26.71 19.05 5.46
N VAL A 9 27.94 18.86 4.96
CA VAL A 9 28.19 18.63 3.54
C VAL A 9 28.47 17.17 3.17
N SER A 10 27.67 16.63 2.25
CA SER A 10 27.79 15.24 1.79
C SER A 10 27.50 15.18 0.30
N HIS A 11 28.53 14.82 -0.49
CA HIS A 11 28.47 14.70 -1.96
C HIS A 11 28.04 15.99 -2.68
N GLU A 12 28.70 17.09 -2.31
CA GLU A 12 28.48 18.46 -2.83
C GLU A 12 27.09 19.07 -2.56
N VAL A 13 26.41 18.53 -1.55
CA VAL A 13 25.08 18.98 -1.11
C VAL A 13 25.21 19.56 0.29
N ALA A 14 24.91 20.85 0.42
CA ALA A 14 25.00 21.56 1.71
C ALA A 14 23.64 21.71 2.40
N ASP A 15 23.50 21.06 3.55
CA ASP A 15 22.27 21.10 4.35
C ASP A 15 22.42 22.10 5.51
N CYS A 16 21.81 23.27 5.34
CA CYS A 16 21.86 24.33 6.35
C CYS A 16 20.46 24.64 6.89
N SER A 17 19.61 23.62 6.96
CA SER A 17 18.24 23.77 7.44
C SER A 17 18.08 23.75 8.97
N HIS A 18 17.10 24.50 9.47
CA HIS A 18 16.75 24.65 10.90
C HIS A 18 17.92 25.08 11.80
N LEU A 19 18.65 26.12 11.37
CA LEU A 19 19.80 26.62 12.13
C LEU A 19 19.69 28.08 12.59
N LYS A 20 18.48 28.65 12.54
CA LYS A 20 18.18 30.04 12.96
C LYS A 20 19.08 31.14 12.34
N LEU A 21 19.59 30.89 11.13
CA LEU A 21 20.48 31.80 10.41
C LEU A 21 19.87 33.09 9.87
N THR A 22 20.60 34.19 10.05
CA THR A 22 20.19 35.52 9.57
C THR A 22 21.11 35.97 8.44
N GLN A 23 22.22 35.25 8.27
CA GLN A 23 23.22 35.51 7.24
C GLN A 23 23.56 34.23 6.49
N VAL A 24 23.96 34.38 5.23
CA VAL A 24 24.34 33.25 4.36
C VAL A 24 25.80 32.90 4.69
N PRO A 25 26.11 31.61 4.98
CA PRO A 25 27.47 31.16 5.32
C PRO A 25 28.54 31.50 4.27
N ASP A 26 29.71 31.90 4.75
CA ASP A 26 30.84 32.29 3.90
C ASP A 26 32.05 31.34 3.91
N ASP A 27 31.95 30.25 4.67
CA ASP A 27 33.03 29.28 4.80
C ASP A 27 32.79 27.89 4.20
N LEU A 28 31.72 27.75 3.42
CA LEU A 28 31.37 26.46 2.78
C LEU A 28 32.24 26.21 1.55
N PRO A 29 32.55 24.92 1.23
CA PRO A 29 33.38 24.60 0.05
C PRO A 29 32.86 25.12 -1.29
N THR A 30 33.78 25.70 -2.07
CA THR A 30 33.49 26.31 -3.38
C THR A 30 33.01 25.37 -4.50
N ASN A 31 32.90 24.07 -4.20
CA ASN A 31 32.46 23.07 -5.18
C ASN A 31 31.03 22.52 -5.00
N ILE A 32 30.23 23.19 -4.17
CA ILE A 32 28.85 22.76 -3.90
C ILE A 32 27.86 23.00 -5.06
N THR A 33 27.01 22.00 -5.33
CA THR A 33 26.01 22.08 -6.40
C THR A 33 24.60 22.39 -5.90
N VAL A 34 24.28 21.92 -4.69
CA VAL A 34 22.96 22.14 -4.08
C VAL A 34 23.16 22.82 -2.72
N LEU A 35 22.37 23.87 -2.47
CA LEU A 35 22.41 24.63 -1.22
C LEU A 35 21.00 24.74 -0.64
N ASN A 36 20.80 24.09 0.51
CA ASN A 36 19.52 24.06 1.23
C ASN A 36 19.57 25.01 2.43
N LEU A 37 18.82 26.11 2.35
CA LEU A 37 18.75 27.11 3.40
C LEU A 37 17.33 27.28 3.97
N THR A 38 16.54 26.20 3.90
CA THR A 38 15.15 26.20 4.40
C THR A 38 14.99 26.35 5.91
N HIS A 39 13.86 26.95 6.31
CA HIS A 39 13.50 27.20 7.72
C HIS A 39 14.54 27.97 8.53
N ASN A 40 14.79 29.21 8.12
CA ASN A 40 15.74 30.12 8.78
C ASN A 40 15.12 31.52 8.83
N GLN A 41 15.91 32.52 9.23
CA GLN A 41 15.42 33.90 9.33
C GLN A 41 16.13 34.89 8.38
N LEU A 42 16.23 34.51 7.09
CA LEU A 42 16.87 35.37 6.09
C LEU A 42 15.92 36.46 5.62
N ARG A 43 16.39 37.70 5.58
CA ARG A 43 15.58 38.85 5.16
C ARG A 43 15.89 39.32 3.74
N ARG A 44 17.13 39.10 3.30
CA ARG A 44 17.60 39.50 1.97
C ARG A 44 18.57 38.46 1.41
N LEU A 45 18.83 38.54 0.09
CA LEU A 45 19.77 37.65 -0.60
C LEU A 45 20.69 38.50 -1.51
N PRO A 46 21.78 39.08 -0.94
CA PRO A 46 22.70 39.91 -1.73
C PRO A 46 23.62 39.11 -2.65
N ALA A 47 23.87 39.67 -3.84
CA ALA A 47 24.70 39.07 -4.89
C ALA A 47 26.15 38.74 -4.50
N ALA A 48 26.76 39.64 -3.72
CA ALA A 48 28.15 39.50 -3.26
C ALA A 48 28.43 38.27 -2.39
N ASN A 49 27.41 37.80 -1.66
CA ASN A 49 27.51 36.65 -0.77
C ASN A 49 27.50 35.30 -1.51
N PHE A 50 27.19 35.34 -2.80
CA PHE A 50 27.11 34.15 -3.65
C PHE A 50 28.20 34.08 -4.72
N THR A 51 29.19 34.98 -4.63
CA THR A 51 30.30 35.05 -5.58
C THR A 51 31.23 33.83 -5.53
N ARG A 52 31.35 33.20 -4.37
CA ARG A 52 32.20 32.01 -4.20
C ARG A 52 31.50 30.67 -4.46
N TYR A 53 30.19 30.73 -4.72
CA TYR A 53 29.37 29.54 -4.98
C TYR A 53 28.85 29.52 -6.42
N SER A 54 29.75 29.69 -7.38
CA SER A 54 29.43 29.73 -8.81
C SER A 54 29.03 28.42 -9.50
N GLN A 55 29.13 27.30 -8.78
CA GLN A 55 28.78 25.99 -9.33
C GLN A 55 27.36 25.48 -9.03
N LEU A 56 26.58 26.31 -8.32
CA LEU A 56 25.20 25.96 -7.93
C LEU A 56 24.21 25.72 -9.06
N THR A 57 23.46 24.61 -8.93
CA THR A 57 22.43 24.23 -9.91
C THR A 57 21.06 24.31 -9.21
N SER A 58 21.08 24.25 -7.88
CA SER A 58 19.87 24.29 -7.05
C SER A 58 20.04 25.14 -5.80
N LEU A 59 19.07 26.02 -5.56
CA LEU A 59 19.02 26.90 -4.40
C LEU A 59 17.62 26.84 -3.79
N ASP A 60 17.55 26.41 -2.54
CA ASP A 60 16.28 26.27 -1.81
C ASP A 60 16.29 27.23 -0.61
N VAL A 61 15.57 28.35 -0.76
CA VAL A 61 15.48 29.36 0.30
C VAL A 61 14.06 29.49 0.84
N GLY A 62 13.32 28.37 0.80
CA GLY A 62 11.95 28.33 1.29
C GLY A 62 11.80 28.52 2.79
N PHE A 63 10.64 29.05 3.21
CA PHE A 63 10.30 29.31 4.62
C PHE A 63 11.20 30.33 5.36
N ASN A 64 11.34 31.53 4.78
CA ASN A 64 12.13 32.62 5.35
C ASN A 64 11.28 33.92 5.34
N THR A 65 11.94 35.08 5.34
CA THR A 65 11.26 36.39 5.33
C THR A 65 11.81 37.35 4.26
N ILE A 66 12.14 36.81 3.09
CA ILE A 66 12.69 37.58 1.97
C ILE A 66 11.60 38.38 1.22
N SER A 67 11.82 39.69 1.07
CA SER A 67 10.87 40.58 0.40
C SER A 67 11.33 41.16 -0.94
N LYS A 68 12.64 41.33 -1.09
CA LYS A 68 13.24 41.86 -2.33
C LYS A 68 14.30 40.89 -2.86
N LEU A 69 14.40 40.81 -4.18
CA LEU A 69 15.35 39.93 -4.84
C LEU A 69 16.21 40.76 -5.80
N GLU A 70 17.53 40.72 -5.59
CA GLU A 70 18.50 41.46 -6.41
C GLU A 70 18.76 40.76 -7.76
N PRO A 71 18.55 41.47 -8.89
CA PRO A 71 18.76 40.96 -10.26
C PRO A 71 20.14 40.38 -10.59
N GLU A 72 21.18 40.98 -9.99
N GLU A 72 21.20 40.98 -10.01
CA GLU A 72 22.58 40.57 -10.19
CA GLU A 72 22.58 40.53 -10.24
C GLU A 72 22.94 39.20 -9.60
C GLU A 72 22.93 39.17 -9.62
N LEU A 73 22.02 38.65 -8.79
CA LEU A 73 22.19 37.33 -8.13
C LEU A 73 22.24 36.19 -9.13
N CYS A 74 21.41 36.29 -10.16
CA CYS A 74 21.34 35.29 -11.22
C CYS A 74 22.54 35.36 -12.18
N GLN A 75 23.21 36.51 -12.23
CA GLN A 75 24.40 36.69 -13.07
C GLN A 75 25.60 36.05 -12.38
N LYS A 76 25.53 35.96 -11.04
CA LYS A 76 26.58 35.34 -10.21
C LYS A 76 26.40 33.81 -10.17
N LEU A 77 25.22 33.33 -10.57
CA LEU A 77 24.89 31.90 -10.61
C LEU A 77 24.39 31.50 -12.03
N PRO A 78 25.29 31.39 -13.04
CA PRO A 78 24.89 31.04 -14.41
C PRO A 78 24.37 29.62 -14.68
N MET A 79 24.58 28.71 -13.74
CA MET A 79 24.14 27.31 -13.89
C MET A 79 22.87 26.95 -13.12
N LEU A 80 22.23 27.96 -12.52
CA LEU A 80 21.01 27.76 -11.72
C LEU A 80 19.80 27.23 -12.50
N LYS A 81 19.32 26.06 -12.09
CA LYS A 81 18.18 25.38 -12.71
C LYS A 81 16.92 25.38 -11.83
N VAL A 82 17.12 25.12 -10.53
CA VAL A 82 16.01 25.06 -9.57
C VAL A 82 16.07 26.17 -8.52
N LEU A 83 15.02 26.99 -8.46
CA LEU A 83 14.91 28.07 -7.49
C LEU A 83 13.58 27.93 -6.74
N ASN A 84 13.67 27.73 -5.43
CA ASN A 84 12.52 27.58 -4.55
C ASN A 84 12.46 28.74 -3.55
N LEU A 85 11.45 29.59 -3.72
CA LEU A 85 11.22 30.75 -2.88
C LEU A 85 9.87 30.68 -2.16
N GLN A 86 9.37 29.46 -1.92
CA GLN A 86 8.08 29.27 -1.24
C GLN A 86 8.05 29.80 0.19
N HIS A 87 6.88 30.29 0.60
CA HIS A 87 6.61 30.83 1.93
C HIS A 87 7.59 31.94 2.38
N ASN A 88 7.58 33.04 1.64
CA ASN A 88 8.41 34.21 1.95
C ASN A 88 7.48 35.42 1.93
N GLU A 89 8.03 36.61 1.71
CA GLU A 89 7.23 37.84 1.68
C GLU A 89 7.43 38.61 0.37
N LEU A 90 7.77 37.86 -0.69
CA LEU A 90 8.01 38.40 -2.03
C LEU A 90 6.67 38.68 -2.74
N SER A 91 6.04 39.80 -2.38
CA SER A 91 4.74 40.21 -2.92
C SER A 91 4.73 40.96 -4.26
N GLN A 92 5.73 41.79 -4.51
CA GLN A 92 5.82 42.54 -5.76
C GLN A 92 6.95 42.06 -6.67
N LEU A 93 6.61 41.77 -7.93
CA LEU A 93 7.56 41.32 -8.93
C LEU A 93 7.66 42.36 -10.06
N SER A 94 8.83 42.45 -10.68
CA SER A 94 9.07 43.39 -11.78
C SER A 94 9.75 42.65 -12.94
N ASP A 95 10.02 43.37 -14.04
CA ASP A 95 10.68 42.79 -15.21
C ASP A 95 12.17 42.51 -15.00
N LYS A 96 12.75 43.16 -13.99
CA LYS A 96 14.16 42.99 -13.65
C LYS A 96 14.46 41.77 -12.78
N THR A 97 13.50 41.40 -11.93
CA THR A 97 13.59 40.28 -10.98
C THR A 97 14.22 38.97 -11.49
N PHE A 98 13.62 38.36 -12.50
CA PHE A 98 14.12 37.09 -13.04
C PHE A 98 14.71 37.23 -14.45
N ALA A 99 15.03 38.47 -14.83
CA ALA A 99 15.58 38.79 -16.16
C ALA A 99 16.90 38.13 -16.58
N PHE A 100 17.77 37.84 -15.62
CA PHE A 100 19.07 37.21 -15.93
C PHE A 100 19.11 35.70 -15.63
N CYS A 101 18.02 35.16 -15.08
CA CYS A 101 17.93 33.72 -14.75
C CYS A 101 17.41 32.92 -15.95
N THR A 102 18.19 32.91 -17.02
CA THR A 102 17.86 32.24 -18.27
C THR A 102 17.88 30.70 -18.33
N ASN A 103 18.60 30.06 -17.41
CA ASN A 103 18.68 28.59 -17.42
C ASN A 103 17.77 27.83 -16.44
N LEU A 104 16.78 28.52 -15.86
CA LEU A 104 15.83 27.91 -14.92
C LEU A 104 14.86 26.92 -15.55
N THR A 105 14.64 25.79 -14.87
CA THR A 105 13.71 24.75 -15.31
C THR A 105 12.53 24.65 -14.33
N GLU A 106 12.79 25.03 -13.07
CA GLU A 106 11.79 25.01 -11.99
C GLU A 106 11.79 26.31 -11.18
N LEU A 107 10.60 26.87 -10.98
CA LEU A 107 10.43 28.10 -10.20
C LEU A 107 9.22 27.95 -9.27
N HIS A 108 9.49 27.88 -7.97
CA HIS A 108 8.44 27.73 -6.96
C HIS A 108 8.21 29.02 -6.18
N LEU A 109 7.01 29.59 -6.32
CA LEU A 109 6.65 30.85 -5.67
C LEU A 109 5.37 30.77 -4.81
N MET A 110 5.12 29.63 -4.18
CA MET A 110 3.93 29.42 -3.33
C MET A 110 3.96 30.24 -2.03
N SER A 111 2.78 30.64 -1.56
CA SER A 111 2.57 31.40 -0.32
C SER A 111 3.42 32.67 -0.14
N ASN A 112 3.43 33.52 -1.17
CA ASN A 112 4.21 34.76 -1.16
C ASN A 112 3.38 36.04 -1.14
N SER A 113 2.08 35.92 -0.88
CA SER A 113 1.13 37.05 -0.85
C SER A 113 1.09 37.92 -2.13
N ILE A 114 1.30 37.28 -3.28
CA ILE A 114 1.26 37.97 -4.58
C ILE A 114 -0.21 38.14 -4.96
N GLN A 115 -0.60 39.39 -5.22
CA GLN A 115 -1.98 39.70 -5.58
C GLN A 115 -2.17 40.21 -6.99
N LYS A 116 -1.09 40.68 -7.61
CA LYS A 116 -1.16 41.23 -8.96
C LYS A 116 0.14 41.00 -9.75
N ILE A 117 -0.02 40.68 -11.03
CA ILE A 117 1.10 40.48 -11.95
C ILE A 117 0.94 41.55 -13.04
N LYS A 118 1.96 42.41 -13.17
CA LYS A 118 2.00 43.48 -14.17
C LYS A 118 3.13 43.18 -15.16
N ASN A 119 2.97 43.69 -16.38
CA ASN A 119 3.96 43.55 -17.47
C ASN A 119 4.41 42.11 -17.83
N ASN A 120 5.70 41.87 -18.03
CA ASN A 120 6.23 40.55 -18.40
C ASN A 120 7.40 40.03 -17.53
N PRO A 121 7.14 39.55 -16.29
CA PRO A 121 8.23 39.06 -15.43
C PRO A 121 8.85 37.70 -15.75
N PHE A 122 8.19 36.89 -16.58
CA PHE A 122 8.68 35.55 -16.94
C PHE A 122 9.12 35.39 -18.39
N VAL A 123 9.27 36.51 -19.12
CA VAL A 123 9.63 36.49 -20.54
C VAL A 123 11.01 35.93 -20.93
N LYS A 124 11.98 35.99 -20.02
CA LYS A 124 13.32 35.47 -20.30
C LYS A 124 13.49 33.99 -19.92
N GLN A 125 12.45 33.40 -19.32
CA GLN A 125 12.48 32.00 -18.89
C GLN A 125 12.15 31.01 -20.02
N LYS A 126 13.02 30.98 -21.02
CA LYS A 126 12.87 30.14 -22.20
C LYS A 126 13.03 28.63 -22.01
N ASN A 127 13.61 28.22 -20.87
CA ASN A 127 13.83 26.80 -20.57
C ASN A 127 12.98 26.28 -19.40
N LEU A 128 12.05 27.12 -18.90
CA LEU A 128 11.19 26.77 -17.77
C LEU A 128 10.18 25.65 -18.06
N ILE A 129 10.19 24.61 -17.21
CA ILE A 129 9.31 23.44 -17.31
C ILE A 129 8.13 23.55 -16.33
N THR A 130 8.42 23.88 -15.07
CA THR A 130 7.40 24.02 -14.03
C THR A 130 7.38 25.43 -13.41
N LEU A 131 6.17 25.98 -13.26
CA LEU A 131 5.94 27.30 -12.65
C LEU A 131 4.80 27.11 -11.63
N ASP A 132 5.11 27.30 -10.35
CA ASP A 132 4.14 27.12 -9.28
C ASP A 132 3.81 28.44 -8.57
N LEU A 133 2.61 28.96 -8.84
CA LEU A 133 2.15 30.20 -8.23
C LEU A 133 0.92 29.96 -7.33
N SER A 134 0.88 28.78 -6.71
CA SER A 134 -0.22 28.39 -5.81
C SER A 134 -0.22 29.15 -4.48
N HIS A 135 -1.36 29.10 -3.78
CA HIS A 135 -1.58 29.74 -2.47
C HIS A 135 -1.27 31.24 -2.38
N ASN A 136 -1.70 32.00 -3.38
CA ASN A 136 -1.51 33.46 -3.40
C ASN A 136 -2.88 34.14 -3.47
N GLY A 137 -2.93 35.41 -3.87
CA GLY A 137 -4.19 36.12 -3.95
C GLY A 137 -4.52 36.66 -5.34
N LEU A 138 -4.11 35.93 -6.37
CA LEU A 138 -4.34 36.31 -7.77
C LEU A 138 -5.79 36.18 -8.19
N SER A 139 -6.29 37.15 -8.96
CA SER A 139 -7.67 37.13 -9.42
C SER A 139 -7.77 36.94 -10.93
N SER A 140 -6.65 36.57 -11.55
CA SER A 140 -6.56 36.35 -13.00
C SER A 140 -5.41 35.40 -13.37
N THR A 141 -5.52 34.81 -14.57
CA THR A 141 -4.50 33.89 -15.10
C THR A 141 -3.51 34.60 -16.02
N LYS A 142 -3.68 35.91 -16.22
CA LYS A 142 -2.80 36.71 -17.08
C LYS A 142 -1.41 36.92 -16.45
N LEU A 143 -0.40 36.40 -17.13
CA LEU A 143 0.98 36.49 -16.65
C LEU A 143 1.94 37.20 -17.61
N GLY A 144 1.42 37.72 -18.72
CA GLY A 144 2.25 38.40 -19.70
C GLY A 144 1.41 39.02 -20.81
N THR A 145 2.07 39.74 -21.72
CA THR A 145 1.39 40.41 -22.85
C THR A 145 1.87 39.94 -24.22
N GLN A 146 2.77 38.95 -24.27
CA GLN A 146 3.29 38.40 -25.52
C GLN A 146 3.57 36.90 -25.39
N VAL A 147 3.63 36.20 -26.53
CA VAL A 147 3.88 34.75 -26.59
C VAL A 147 5.26 34.40 -26.02
N GLN A 148 5.24 33.68 -24.90
CA GLN A 148 6.43 33.26 -24.15
C GLN A 148 6.18 31.88 -23.50
N LEU A 149 7.14 31.44 -22.68
CA LEU A 149 7.11 30.17 -21.93
C LEU A 149 6.76 28.93 -22.79
N GLU A 150 7.40 28.84 -23.95
CA GLU A 150 7.18 27.77 -24.94
C GLU A 150 7.46 26.35 -24.50
N ASN A 151 8.38 26.19 -23.54
CA ASN A 151 8.74 24.87 -23.04
C ASN A 151 8.01 24.46 -21.75
N LEU A 152 7.08 25.30 -21.28
CA LEU A 152 6.32 25.02 -20.06
C LEU A 152 5.37 23.81 -20.19
N GLN A 153 5.44 22.94 -19.19
CA GLN A 153 4.63 21.72 -19.13
C GLN A 153 3.63 21.72 -17.96
N GLU A 154 4.00 22.36 -16.86
CA GLU A 154 3.15 22.44 -15.66
C GLU A 154 2.94 23.87 -15.13
N LEU A 155 1.67 24.26 -15.02
CA LEU A 155 1.28 25.57 -14.51
C LEU A 155 0.31 25.37 -13.33
N LEU A 156 0.80 25.61 -12.12
CA LEU A 156 0.00 25.46 -10.91
C LEU A 156 -0.52 26.77 -10.34
N LEU A 157 -1.84 26.96 -10.41
CA LEU A 157 -2.51 28.16 -9.93
C LEU A 157 -3.59 27.87 -8.89
N SER A 158 -3.44 26.76 -8.16
CA SER A 158 -4.40 26.37 -7.13
C SER A 158 -4.43 27.28 -5.90
N ASN A 159 -5.58 27.34 -5.23
CA ASN A 159 -5.82 28.14 -4.02
C ASN A 159 -5.54 29.65 -4.17
N ASN A 160 -6.12 30.26 -5.20
CA ASN A 160 -6.00 31.69 -5.47
C ASN A 160 -7.41 32.29 -5.40
N LYS A 161 -7.66 33.42 -6.04
CA LYS A 161 -8.98 34.07 -6.03
C LYS A 161 -9.56 34.28 -7.44
N ILE A 162 -9.23 33.37 -8.38
CA ILE A 162 -9.70 33.44 -9.77
C ILE A 162 -11.21 33.16 -9.87
N GLN A 163 -11.93 34.12 -10.46
CA GLN A 163 -13.39 34.03 -10.62
C GLN A 163 -13.91 33.81 -12.04
N ALA A 164 -13.04 33.92 -13.03
CA ALA A 164 -13.40 33.75 -14.44
C ALA A 164 -12.18 33.49 -15.31
N LEU A 165 -12.39 32.73 -16.40
CA LEU A 165 -11.34 32.41 -17.37
C LEU A 165 -11.69 33.01 -18.72
N LYS A 166 -10.77 33.80 -19.28
CA LYS A 166 -10.94 34.47 -20.59
C LYS A 166 -9.79 34.06 -21.52
N SER A 167 -10.01 34.20 -22.84
CA SER A 167 -9.01 33.84 -23.87
C SER A 167 -7.82 34.77 -23.98
N GLU A 168 -8.05 36.06 -23.79
CA GLU A 168 -6.99 37.07 -23.87
C GLU A 168 -6.11 37.12 -22.60
N GLU A 169 -6.35 36.17 -21.70
CA GLU A 169 -5.62 36.02 -20.44
C GLU A 169 -4.77 34.75 -20.43
N LEU A 170 -5.01 33.88 -21.40
CA LEU A 170 -4.27 32.61 -21.53
C LEU A 170 -3.57 32.49 -22.88
N ASP A 171 -3.67 33.53 -23.72
CA ASP A 171 -3.06 33.52 -25.06
C ASP A 171 -1.54 33.56 -25.17
N ILE A 172 -0.83 33.73 -24.04
CA ILE A 172 0.64 33.74 -24.06
C ILE A 172 1.19 32.31 -24.19
N PHE A 173 0.33 31.33 -23.95
CA PHE A 173 0.69 29.91 -24.04
C PHE A 173 0.32 29.28 -25.39
N ALA A 174 0.17 30.13 -26.42
CA ALA A 174 -0.18 29.73 -27.79
C ALA A 174 0.76 28.73 -28.47
N ASN A 175 2.02 28.68 -28.01
CA ASN A 175 3.02 27.76 -28.56
C ASN A 175 3.45 26.72 -27.52
N SER A 176 2.74 26.66 -26.38
CA SER A 176 3.07 25.72 -25.29
C SER A 176 2.22 24.45 -25.26
N SER A 177 2.80 23.38 -24.70
CA SER A 177 2.13 22.07 -24.56
C SER A 177 2.03 21.72 -23.07
N LEU A 178 0.90 22.07 -22.47
CA LEU A 178 0.66 21.84 -21.05
C LEU A 178 0.12 20.46 -20.65
N LYS A 179 0.93 19.70 -19.90
CA LYS A 179 0.56 18.37 -19.40
C LYS A 179 -0.33 18.50 -18.17
N LYS A 180 -0.21 19.65 -17.49
CA LYS A 180 -0.96 19.92 -16.28
C LYS A 180 -1.30 21.41 -16.08
N LEU A 181 -2.59 21.69 -15.94
CA LEU A 181 -3.09 23.04 -15.65
C LEU A 181 -3.94 22.82 -14.39
N GLU A 182 -3.34 23.18 -13.26
CA GLU A 182 -3.93 23.02 -11.95
C GLU A 182 -4.66 24.27 -11.47
N LEU A 183 -5.99 24.24 -11.54
CA LEU A 183 -6.84 25.35 -11.14
C LEU A 183 -7.80 25.04 -9.97
N SER A 184 -7.41 24.08 -9.12
CA SER A 184 -8.22 23.68 -7.96
C SER A 184 -8.35 24.76 -6.89
N SER A 185 -9.45 24.68 -6.13
CA SER A 185 -9.80 25.62 -5.05
C SER A 185 -9.86 27.10 -5.47
N ASN A 186 -10.42 27.33 -6.65
CA ASN A 186 -10.62 28.66 -7.21
C ASN A 186 -12.11 28.71 -7.50
N GLN A 187 -12.80 29.73 -7.03
CA GLN A 187 -14.24 29.82 -7.27
C GLN A 187 -14.65 30.44 -8.60
N ILE A 188 -14.37 29.69 -9.66
CA ILE A 188 -14.66 30.05 -11.05
C ILE A 188 -16.16 29.90 -11.35
N LYS A 189 -16.75 31.00 -11.85
CA LYS A 189 -18.17 31.04 -12.20
C LYS A 189 -18.45 31.22 -13.68
N GLU A 190 -17.42 31.41 -14.50
CA GLU A 190 -17.58 31.58 -15.95
C GLU A 190 -16.37 31.16 -16.77
N PHE A 191 -16.65 30.43 -17.85
CA PHE A 191 -15.64 29.97 -18.81
C PHE A 191 -16.01 30.68 -20.12
N SER A 192 -15.37 31.81 -20.41
CA SER A 192 -15.64 32.60 -21.63
C SER A 192 -15.30 31.83 -22.91
N PRO A 193 -16.20 31.88 -23.94
CA PRO A 193 -16.01 31.19 -25.21
C PRO A 193 -14.63 31.30 -25.87
N GLY A 194 -13.98 30.14 -26.02
CA GLY A 194 -12.66 30.05 -26.62
C GLY A 194 -11.48 30.06 -25.67
N CYS A 195 -11.74 30.14 -24.36
CA CYS A 195 -10.69 30.19 -23.32
C CYS A 195 -9.62 29.10 -23.30
N PHE A 196 -10.01 27.84 -23.58
CA PHE A 196 -9.05 26.74 -23.59
C PHE A 196 -8.36 26.54 -24.93
N HIS A 197 -8.88 27.17 -25.98
CA HIS A 197 -8.29 27.07 -27.32
C HIS A 197 -7.15 28.07 -27.51
N ALA A 198 -6.94 28.91 -26.50
CA ALA A 198 -5.87 29.91 -26.48
C ALA A 198 -4.50 29.25 -26.24
N ILE A 199 -4.52 28.07 -25.61
CA ILE A 199 -3.31 27.27 -25.31
C ILE A 199 -3.04 26.38 -26.53
N GLY A 200 -1.75 26.19 -26.86
CA GLY A 200 -1.33 25.36 -27.99
C GLY A 200 -1.90 23.95 -27.93
N ARG A 201 -1.55 23.21 -26.87
CA ARG A 201 -2.05 21.86 -26.62
C ARG A 201 -2.25 21.68 -25.11
N LEU A 202 -3.46 21.28 -24.70
CA LEU A 202 -3.78 21.04 -23.28
C LEU A 202 -4.08 19.55 -23.09
N PHE A 203 -3.31 18.88 -22.22
CA PHE A 203 -3.48 17.45 -21.95
C PHE A 203 -4.20 17.09 -20.64
N GLY A 204 -4.05 17.94 -19.62
CA GLY A 204 -4.67 17.68 -18.32
C GLY A 204 -5.18 18.90 -17.56
N LEU A 205 -6.42 18.82 -17.07
CA LEU A 205 -7.07 19.89 -16.33
C LEU A 205 -7.60 19.41 -14.99
N PHE A 206 -7.25 20.14 -13.93
CA PHE A 206 -7.66 19.82 -12.56
C PHE A 206 -8.53 20.94 -12.00
N LEU A 207 -9.77 20.63 -11.65
CA LEU A 207 -10.71 21.59 -11.07
C LEU A 207 -11.38 21.00 -9.82
N ASN A 208 -10.55 20.47 -8.92
CA ASN A 208 -11.03 19.88 -7.66
C ASN A 208 -11.38 21.02 -6.68
N ASN A 209 -12.38 20.78 -5.82
N ASN A 209 -12.37 20.79 -5.81
CA ASN A 209 -12.87 21.72 -4.80
CA ASN A 209 -12.86 21.76 -4.81
C ASN A 209 -13.39 23.06 -5.39
C ASN A 209 -13.34 23.10 -5.43
N VAL A 210 -14.00 22.98 -6.58
CA VAL A 210 -14.55 24.14 -7.31
C VAL A 210 -16.06 23.90 -7.48
N GLN A 211 -16.89 24.73 -6.83
CA GLN A 211 -18.35 24.60 -6.90
C GLN A 211 -18.91 24.92 -8.30
N LEU A 212 -19.13 23.87 -9.09
CA LEU A 212 -19.64 24.00 -10.46
C LEU A 212 -21.11 23.63 -10.59
N GLY A 213 -21.43 22.35 -10.41
CA GLY A 213 -22.78 21.86 -10.53
C GLY A 213 -23.08 21.37 -11.95
N PRO A 214 -24.23 20.70 -12.22
CA PRO A 214 -24.61 20.18 -13.54
C PRO A 214 -24.61 21.17 -14.72
N SER A 215 -25.22 22.35 -14.52
CA SER A 215 -25.31 23.38 -15.56
C SER A 215 -23.98 23.99 -16.01
N LEU A 216 -23.11 24.29 -15.03
CA LEU A 216 -21.79 24.87 -15.31
C LEU A 216 -20.80 23.83 -15.87
N THR A 217 -20.95 22.57 -15.46
CA THR A 217 -20.10 21.46 -15.94
C THR A 217 -20.36 21.21 -17.43
N GLU A 218 -21.61 21.41 -17.85
CA GLU A 218 -22.02 21.23 -19.24
C GLU A 218 -21.38 22.30 -20.14
N LYS A 219 -21.30 23.52 -19.62
CA LYS A 219 -20.69 24.65 -20.34
C LYS A 219 -19.16 24.47 -20.42
N LEU A 220 -18.58 23.89 -19.37
CA LEU A 220 -17.13 23.61 -19.29
C LEU A 220 -16.72 22.59 -20.36
N CYS A 221 -17.51 21.52 -20.50
CA CYS A 221 -17.23 20.46 -21.46
C CYS A 221 -17.37 20.90 -22.93
N LEU A 222 -18.20 21.93 -23.17
CA LEU A 222 -18.41 22.49 -24.51
C LEU A 222 -17.13 23.25 -24.91
N GLU A 223 -16.47 23.85 -23.92
CA GLU A 223 -15.22 24.58 -24.13
C GLU A 223 -14.01 23.66 -24.30
N LEU A 224 -14.18 22.39 -23.92
CA LEU A 224 -13.11 21.39 -24.05
C LEU A 224 -13.18 20.63 -25.37
N ALA A 225 -14.26 20.84 -26.13
CA ALA A 225 -14.47 20.21 -27.43
C ALA A 225 -13.37 20.59 -28.43
N ASN A 226 -12.82 19.58 -29.08
CA ASN A 226 -11.74 19.68 -30.06
C ASN A 226 -10.37 20.09 -29.51
N THR A 227 -10.16 19.85 -28.20
CA THR A 227 -8.86 20.12 -27.56
C THR A 227 -8.16 18.76 -27.43
N SER A 228 -6.92 18.77 -26.97
CA SER A 228 -6.12 17.56 -26.81
C SER A 228 -6.28 16.85 -25.46
N ILE A 229 -7.26 17.31 -24.65
CA ILE A 229 -7.54 16.78 -23.30
C ILE A 229 -7.59 15.25 -23.13
N ARG A 230 -6.79 14.74 -22.20
CA ARG A 230 -6.72 13.30 -21.89
C ARG A 230 -7.17 13.01 -20.46
N ASN A 231 -6.86 13.92 -19.53
CA ASN A 231 -7.20 13.78 -18.10
C ASN A 231 -8.06 14.93 -17.58
N LEU A 232 -9.17 14.62 -16.92
CA LEU A 232 -10.06 15.63 -16.33
C LEU A 232 -10.46 15.21 -14.91
N SER A 233 -10.19 16.07 -13.93
CA SER A 233 -10.50 15.80 -12.53
C SER A 233 -11.46 16.85 -11.95
N LEU A 234 -12.63 16.38 -11.51
CA LEU A 234 -13.69 17.24 -10.95
C LEU A 234 -14.13 16.75 -9.56
N SER A 235 -13.15 16.39 -8.73
CA SER A 235 -13.42 15.89 -7.38
C SER A 235 -13.89 16.97 -6.40
N ASN A 236 -14.97 16.70 -5.66
CA ASN A 236 -15.59 17.62 -4.69
C ASN A 236 -16.04 18.94 -5.34
N SER A 237 -16.75 18.81 -6.46
CA SER A 237 -17.22 19.96 -7.22
C SER A 237 -18.76 20.15 -7.17
N GLN A 238 -19.38 19.53 -6.17
CA GLN A 238 -20.85 19.56 -5.94
C GLN A 238 -21.73 19.09 -7.11
N LEU A 239 -21.24 18.06 -7.82
CA LEU A 239 -21.99 17.47 -8.94
C LEU A 239 -22.98 16.48 -8.34
N SER A 240 -24.15 17.00 -7.97
CA SER A 240 -25.23 16.22 -7.36
C SER A 240 -25.92 15.22 -8.27
N THR A 241 -26.08 15.59 -9.55
CA THR A 241 -26.73 14.74 -10.56
C THR A 241 -26.00 14.84 -11.91
N THR A 242 -26.27 13.88 -12.80
CA THR A 242 -25.73 13.87 -14.17
C THR A 242 -26.87 13.48 -15.12
N SER A 243 -26.82 14.02 -16.35
CA SER A 243 -27.82 13.72 -17.37
C SER A 243 -27.12 13.35 -18.66
N ASN A 244 -27.89 13.03 -19.69
CA ASN A 244 -27.37 12.65 -21.00
C ASN A 244 -26.85 13.84 -21.82
N THR A 245 -26.86 15.02 -21.22
CA THR A 245 -26.39 16.24 -21.87
C THR A 245 -25.13 16.82 -21.18
N THR A 246 -24.96 16.50 -19.89
CA THR A 246 -23.82 16.97 -19.07
C THR A 246 -22.41 16.87 -19.68
N PHE A 247 -22.09 15.72 -20.27
CA PHE A 247 -20.77 15.50 -20.85
C PHE A 247 -20.76 15.42 -22.38
N LEU A 248 -21.82 15.93 -23.02
CA LEU A 248 -21.94 15.91 -24.48
C LEU A 248 -20.80 16.60 -25.25
N GLY A 249 -20.25 17.67 -24.66
CA GLY A 249 -19.13 18.37 -25.27
C GLY A 249 -17.88 17.51 -25.40
N LEU A 250 -17.77 16.50 -24.52
CA LEU A 250 -16.61 15.59 -24.54
C LEU A 250 -16.61 14.56 -25.68
N LYS A 251 -17.65 14.61 -26.53
CA LYS A 251 -17.78 13.71 -27.69
C LYS A 251 -16.64 14.01 -28.68
N TRP A 252 -16.27 15.28 -28.76
CA TRP A 252 -15.20 15.73 -29.65
C TRP A 252 -13.80 15.68 -28.98
N THR A 253 -13.60 14.72 -28.08
CA THR A 253 -12.30 14.53 -27.40
C THR A 253 -11.93 13.05 -27.38
N ASN A 254 -10.70 12.77 -26.94
CA ASN A 254 -10.18 11.41 -26.80
C ASN A 254 -9.81 11.23 -25.30
N LEU A 255 -10.73 11.63 -24.41
CA LEU A 255 -10.54 11.55 -22.95
C LEU A 255 -10.37 10.11 -22.44
N THR A 256 -9.31 9.87 -21.67
CA THR A 256 -9.03 8.54 -21.13
C THR A 256 -9.16 8.39 -19.62
N MET A 257 -9.16 9.52 -18.90
CA MET A 257 -9.30 9.52 -17.44
C MET A 257 -10.31 10.57 -16.98
N LEU A 258 -11.24 10.14 -16.13
CA LEU A 258 -12.27 11.02 -15.56
C LEU A 258 -12.42 10.68 -14.07
N ASP A 259 -12.35 11.70 -13.23
CA ASP A 259 -12.48 11.56 -11.77
C ASP A 259 -13.68 12.38 -11.32
N LEU A 260 -14.69 11.68 -10.78
CA LEU A 260 -15.92 12.31 -10.28
C LEU A 260 -16.17 11.95 -8.82
N SER A 261 -15.09 11.66 -8.10
CA SER A 261 -15.16 11.29 -6.68
C SER A 261 -15.52 12.44 -5.73
N TYR A 262 -16.02 12.09 -4.54
CA TYR A 262 -16.42 13.03 -3.47
C TYR A 262 -17.42 14.13 -3.86
N ASN A 263 -18.37 13.79 -4.72
CA ASN A 263 -19.37 14.76 -5.21
C ASN A 263 -20.79 14.71 -4.65
N ASN A 264 -21.06 13.79 -3.72
CA ASN A 264 -22.39 13.56 -3.12
C ASN A 264 -23.42 13.29 -4.25
N LEU A 265 -22.94 12.61 -5.29
CA LEU A 265 -23.71 12.26 -6.49
C LEU A 265 -24.83 11.28 -6.15
N ASN A 266 -26.07 11.75 -6.25
N ASN A 266 -26.08 11.77 -6.23
CA ASN A 266 -27.25 10.95 -5.93
CA ASN A 266 -27.28 10.99 -5.91
C ASN A 266 -27.86 10.20 -7.12
C ASN A 266 -27.90 10.23 -7.08
N VAL A 267 -28.14 10.92 -8.20
CA VAL A 267 -28.75 10.34 -9.41
C VAL A 267 -27.80 10.38 -10.61
N VAL A 268 -27.63 9.21 -11.25
CA VAL A 268 -26.80 9.08 -12.45
C VAL A 268 -27.78 8.69 -13.56
N GLY A 269 -28.19 9.69 -14.34
CA GLY A 269 -29.13 9.49 -15.44
C GLY A 269 -28.71 8.56 -16.55
N ASN A 270 -29.69 8.03 -17.27
CA ASN A 270 -29.45 7.12 -18.39
C ASN A 270 -28.68 7.79 -19.51
N ASP A 271 -27.69 7.07 -20.03
CA ASP A 271 -26.80 7.53 -21.11
C ASP A 271 -25.88 8.72 -20.76
N SER A 272 -25.56 8.88 -19.48
CA SER A 272 -24.70 9.96 -18.98
C SER A 272 -23.27 9.95 -19.55
N PHE A 273 -22.76 8.75 -19.85
CA PHE A 273 -21.39 8.61 -20.36
C PHE A 273 -21.32 7.97 -21.75
N ALA A 274 -22.40 8.11 -22.52
CA ALA A 274 -22.49 7.57 -23.89
C ALA A 274 -21.53 8.27 -24.86
N TRP A 275 -21.02 9.40 -24.40
CA TRP A 275 -20.11 10.26 -25.16
C TRP A 275 -18.64 10.05 -24.87
N LEU A 276 -18.33 9.01 -24.09
CA LEU A 276 -16.95 8.67 -23.72
C LEU A 276 -16.49 7.26 -24.18
N PRO A 277 -16.37 7.02 -25.51
CA PRO A 277 -15.94 5.70 -26.00
C PRO A 277 -14.47 5.32 -25.81
N GLN A 278 -13.63 6.31 -25.49
CA GLN A 278 -12.20 6.08 -25.30
C GLN A 278 -11.76 6.01 -23.83
N LEU A 279 -12.69 6.28 -22.90
CA LEU A 279 -12.39 6.27 -21.45
C LEU A 279 -11.83 4.94 -20.95
N GLU A 280 -10.70 5.02 -20.26
CA GLU A 280 -10.03 3.83 -19.72
C GLU A 280 -10.02 3.69 -18.19
N TYR A 281 -9.84 4.81 -17.48
CA TYR A 281 -9.79 4.83 -16.02
C TYR A 281 -10.89 5.74 -15.47
N PHE A 282 -11.82 5.17 -14.70
CA PHE A 282 -12.96 5.90 -14.14
C PHE A 282 -13.01 5.81 -12.61
N PHE A 283 -12.95 6.97 -11.95
CA PHE A 283 -12.98 7.07 -10.48
C PHE A 283 -14.32 7.65 -10.00
N LEU A 284 -15.13 6.83 -9.33
CA LEU A 284 -16.44 7.25 -8.81
C LEU A 284 -16.59 7.07 -7.30
N GLU A 285 -15.48 6.77 -6.61
CA GLU A 285 -15.49 6.54 -5.16
C GLU A 285 -16.00 7.67 -4.25
N TYR A 286 -16.59 7.28 -3.11
CA TYR A 286 -17.16 8.19 -2.10
C TYR A 286 -18.29 9.12 -2.56
N ASN A 287 -19.43 8.52 -2.91
CA ASN A 287 -20.61 9.25 -3.36
C ASN A 287 -21.87 8.75 -2.63
N ASN A 288 -23.06 9.03 -3.17
CA ASN A 288 -24.32 8.65 -2.53
C ASN A 288 -25.38 8.18 -3.54
N ILE A 289 -24.97 7.30 -4.47
CA ILE A 289 -25.87 6.77 -5.52
C ILE A 289 -26.96 5.86 -4.94
N GLN A 290 -28.22 6.26 -5.13
CA GLN A 290 -29.36 5.50 -4.62
C GLN A 290 -29.85 4.33 -5.45
N HIS A 291 -29.80 4.49 -6.78
CA HIS A 291 -30.28 3.46 -7.70
C HIS A 291 -29.48 3.57 -9.00
N LEU A 292 -28.84 2.46 -9.39
CA LEU A 292 -28.07 2.39 -10.62
C LEU A 292 -28.98 1.67 -11.63
N PHE A 293 -29.29 2.35 -12.73
CA PHE A 293 -30.16 1.82 -13.78
C PHE A 293 -29.37 1.02 -14.81
N SER A 294 -30.06 0.20 -15.62
CA SER A 294 -29.43 -0.65 -16.64
C SER A 294 -28.77 0.09 -17.82
N HIS A 295 -29.05 1.39 -17.94
CA HIS A 295 -28.48 2.23 -18.99
C HIS A 295 -27.60 3.38 -18.45
N SER A 296 -27.36 3.39 -17.13
CA SER A 296 -26.52 4.42 -16.49
C SER A 296 -25.09 4.43 -17.01
N LEU A 297 -24.55 3.23 -17.27
CA LEU A 297 -23.18 3.07 -17.74
C LEU A 297 -23.03 2.72 -19.24
N HIS A 298 -24.07 3.00 -20.03
CA HIS A 298 -24.08 2.76 -21.49
C HIS A 298 -23.00 3.55 -22.23
N GLY A 299 -22.31 2.87 -23.15
CA GLY A 299 -21.25 3.49 -23.94
C GLY A 299 -19.81 3.38 -23.45
N LEU A 300 -19.61 2.88 -22.24
CA LEU A 300 -18.28 2.73 -21.63
C LEU A 300 -17.55 1.42 -21.97
N PHE A 301 -17.50 1.08 -23.26
CA PHE A 301 -16.87 -0.16 -23.72
C PHE A 301 -15.32 -0.28 -23.70
N ASN A 302 -14.62 0.79 -23.33
CA ASN A 302 -13.16 0.76 -23.28
C ASN A 302 -12.57 0.85 -21.87
N VAL A 303 -13.42 1.04 -20.85
CA VAL A 303 -13.01 1.15 -19.44
C VAL A 303 -12.31 -0.13 -18.95
N ARG A 304 -11.08 0.03 -18.44
CA ARG A 304 -10.28 -1.08 -17.93
C ARG A 304 -10.30 -1.12 -16.40
N TYR A 305 -10.49 0.04 -15.77
CA TYR A 305 -10.52 0.20 -14.32
C TYR A 305 -11.72 1.02 -13.86
N LEU A 306 -12.42 0.53 -12.84
CA LEU A 306 -13.58 1.22 -12.27
C LEU A 306 -13.56 1.10 -10.74
N ASN A 307 -13.54 2.25 -10.07
CA ASN A 307 -13.53 2.29 -8.60
C ASN A 307 -14.90 2.76 -8.11
N LEU A 308 -15.59 1.86 -7.39
CA LEU A 308 -16.91 2.13 -6.82
C LEU A 308 -16.95 2.00 -5.29
N LYS A 309 -15.80 2.22 -4.64
CA LYS A 309 -15.70 2.14 -3.17
C LYS A 309 -16.48 3.28 -2.50
N ARG A 310 -17.46 2.91 -1.65
CA ARG A 310 -18.34 3.84 -0.92
C ARG A 310 -19.16 4.76 -1.87
N SER A 311 -19.44 4.28 -3.08
CA SER A 311 -20.19 5.06 -4.08
C SER A 311 -21.70 5.12 -3.89
N PHE A 312 -22.25 4.08 -3.26
CA PHE A 312 -23.69 3.96 -3.05
C PHE A 312 -24.16 4.48 -1.70
N THR A 313 -25.46 4.81 -1.61
CA THR A 313 -26.06 5.33 -0.37
C THR A 313 -26.05 4.34 0.81
N LYS A 314 -25.94 4.89 2.02
CA LYS A 314 -25.90 4.11 3.26
C LYS A 314 -27.28 3.61 3.69
N GLN A 315 -27.31 2.71 4.67
CA GLN A 315 -28.55 2.15 5.22
C GLN A 315 -29.19 3.21 6.15
N SER A 316 -30.48 3.45 5.96
CA SER A 316 -31.24 4.43 6.72
C SER A 316 -31.83 3.92 8.04
N ILE A 317 -31.79 2.59 8.24
CA ILE A 317 -32.30 1.86 9.42
C ILE A 317 -33.84 1.87 9.50
N SER A 318 -34.43 3.08 9.41
CA SER A 318 -35.87 3.28 9.48
C SER A 318 -36.58 3.37 8.13
N LEU A 319 -36.22 4.38 7.33
CA LEU A 319 -36.82 4.64 6.00
C LEU A 319 -36.61 3.54 4.95
N ALA A 320 -35.69 2.62 5.24
CA ALA A 320 -35.32 1.48 4.38
C ALA A 320 -34.78 1.93 3.01
N SER A 321 -33.98 2.99 3.04
CA SER A 321 -33.36 3.58 1.85
C SER A 321 -32.06 2.84 1.51
N LEU A 322 -32.21 1.56 1.18
CA LEU A 322 -31.11 0.69 0.79
C LEU A 322 -30.84 0.91 -0.69
N PRO A 323 -29.56 0.85 -1.11
CA PRO A 323 -29.25 1.06 -2.54
C PRO A 323 -29.72 -0.11 -3.41
N LYS A 324 -30.09 0.20 -4.65
CA LYS A 324 -30.54 -0.82 -5.59
C LYS A 324 -29.71 -0.78 -6.86
N ILE A 325 -29.30 -1.96 -7.34
CA ILE A 325 -28.52 -2.09 -8.56
C ILE A 325 -29.33 -3.05 -9.44
N ASP A 326 -29.82 -2.53 -10.56
CA ASP A 326 -30.61 -3.31 -11.53
C ASP A 326 -29.75 -4.40 -12.17
N ASP A 327 -30.38 -5.48 -12.61
CA ASP A 327 -29.69 -6.58 -13.30
C ASP A 327 -29.21 -6.03 -14.65
N PHE A 328 -28.10 -6.58 -15.16
CA PHE A 328 -27.48 -6.21 -16.44
C PHE A 328 -26.82 -4.81 -16.48
N SER A 329 -26.67 -4.15 -15.33
CA SER A 329 -26.06 -2.81 -15.25
C SER A 329 -24.59 -2.68 -15.69
N PHE A 330 -23.88 -3.82 -15.76
CA PHE A 330 -22.47 -3.84 -16.15
C PHE A 330 -22.24 -4.51 -17.51
N GLN A 331 -23.31 -4.83 -18.24
CA GLN A 331 -23.20 -5.51 -19.55
C GLN A 331 -22.45 -4.79 -20.66
N TRP A 332 -22.32 -3.47 -20.53
CA TRP A 332 -21.65 -2.62 -21.52
C TRP A 332 -20.14 -2.57 -21.43
N LEU A 333 -19.60 -2.84 -20.24
CA LEU A 333 -18.16 -2.79 -19.99
C LEU A 333 -17.39 -4.06 -20.40
N LYS A 334 -17.25 -4.21 -21.72
CA LYS A 334 -16.58 -5.36 -22.34
C LYS A 334 -15.08 -5.47 -22.14
N CYS A 335 -14.42 -4.38 -21.76
CA CYS A 335 -12.97 -4.37 -21.54
C CYS A 335 -12.54 -4.28 -20.07
N LEU A 336 -13.50 -4.21 -19.14
CA LEU A 336 -13.24 -4.11 -17.70
C LEU A 336 -12.43 -5.26 -17.11
N GLU A 337 -11.26 -4.95 -16.54
CA GLU A 337 -10.36 -5.93 -15.94
C GLU A 337 -10.34 -5.88 -14.41
N HIS A 338 -10.41 -4.67 -13.85
CA HIS A 338 -10.33 -4.44 -12.41
C HIS A 338 -11.55 -3.67 -11.88
N LEU A 339 -12.27 -4.29 -10.94
CA LEU A 339 -13.45 -3.69 -10.32
C LEU A 339 -13.39 -3.72 -8.78
N ASN A 340 -13.49 -2.54 -8.19
CA ASN A 340 -13.44 -2.33 -6.73
C ASN A 340 -14.84 -1.87 -6.30
N MET A 341 -15.52 -2.68 -5.48
CA MET A 341 -16.87 -2.36 -4.98
C MET A 341 -16.93 -2.38 -3.46
N GLU A 342 -15.77 -2.16 -2.84
CA GLU A 342 -15.61 -2.16 -1.38
C GLU A 342 -16.47 -1.17 -0.59
N ASP A 343 -16.78 -1.58 0.64
CA ASP A 343 -17.56 -0.81 1.62
C ASP A 343 -18.89 -0.18 1.16
N ASN A 344 -19.90 -1.03 0.97
CA ASN A 344 -21.23 -0.61 0.55
C ASN A 344 -22.31 -1.39 1.32
N ASP A 345 -23.58 -1.08 1.06
CA ASP A 345 -24.72 -1.74 1.72
C ASP A 345 -25.69 -2.41 0.74
N ILE A 346 -25.14 -3.05 -0.30
CA ILE A 346 -25.92 -3.77 -1.33
C ILE A 346 -26.57 -5.01 -0.66
N PRO A 347 -27.88 -5.29 -0.92
CA PRO A 347 -28.57 -6.45 -0.31
C PRO A 347 -28.04 -7.86 -0.62
N GLY A 348 -27.68 -8.10 -1.88
CA GLY A 348 -27.18 -9.40 -2.28
C GLY A 348 -26.73 -9.43 -3.73
N ILE A 349 -26.50 -10.62 -4.26
CA ILE A 349 -26.06 -10.80 -5.64
C ILE A 349 -27.17 -11.48 -6.45
N LYS A 350 -27.78 -10.70 -7.36
CA LYS A 350 -28.85 -11.19 -8.24
C LYS A 350 -28.27 -12.08 -9.35
N SER A 351 -29.14 -12.85 -10.01
CA SER A 351 -28.73 -13.79 -11.07
C SER A 351 -28.01 -13.25 -12.29
N ASN A 352 -28.16 -11.95 -12.56
CA ASN A 352 -27.50 -11.32 -13.70
C ASN A 352 -26.75 -10.01 -13.33
N MET A 353 -26.23 -9.96 -12.11
CA MET A 353 -25.49 -8.79 -11.60
C MET A 353 -24.22 -8.45 -12.41
N PHE A 354 -23.42 -9.47 -12.70
CA PHE A 354 -22.15 -9.29 -13.42
C PHE A 354 -22.11 -9.81 -14.87
N THR A 355 -23.28 -10.05 -15.48
CA THR A 355 -23.37 -10.58 -16.85
C THR A 355 -22.83 -9.57 -17.88
N GLY A 356 -22.01 -10.07 -18.80
CA GLY A 356 -21.42 -9.25 -19.85
C GLY A 356 -19.96 -8.87 -19.64
N LEU A 357 -19.42 -9.09 -18.43
CA LEU A 357 -18.03 -8.76 -18.12
C LEU A 357 -17.05 -9.86 -18.56
N ILE A 358 -16.87 -9.96 -19.88
CA ILE A 358 -16.01 -10.97 -20.51
C ILE A 358 -14.49 -10.83 -20.39
N ASN A 359 -14.02 -9.77 -19.73
CA ASN A 359 -12.58 -9.55 -19.53
C ASN A 359 -12.16 -9.31 -18.08
N LEU A 360 -13.12 -9.46 -17.15
CA LEU A 360 -12.86 -9.25 -15.71
C LEU A 360 -11.92 -10.27 -15.08
N LYS A 361 -10.81 -9.77 -14.53
CA LYS A 361 -9.77 -10.59 -13.88
C LYS A 361 -9.69 -10.39 -12.35
N TYR A 362 -9.98 -9.17 -11.89
CA TYR A 362 -9.95 -8.83 -10.47
C TYR A 362 -11.29 -8.27 -10.03
N LEU A 363 -11.77 -8.76 -8.89
CA LEU A 363 -13.01 -8.29 -8.28
C LEU A 363 -12.94 -8.34 -6.76
N SER A 364 -13.12 -7.17 -6.14
CA SER A 364 -13.13 -7.07 -4.69
C SER A 364 -14.51 -6.68 -4.17
N LEU A 365 -15.09 -7.58 -3.36
CA LEU A 365 -16.40 -7.39 -2.76
C LEU A 365 -16.29 -7.36 -1.22
N SER A 366 -15.17 -6.83 -0.72
CA SER A 366 -14.91 -6.71 0.72
C SER A 366 -15.81 -5.67 1.39
N ASN A 367 -16.64 -6.13 2.35
CA ASN A 367 -17.59 -5.30 3.11
C ASN A 367 -18.62 -4.59 2.19
N SER A 368 -18.93 -5.24 1.07
CA SER A 368 -19.86 -4.69 0.08
C SER A 368 -21.34 -4.91 0.32
N PHE A 369 -21.66 -5.88 1.18
CA PHE A 369 -23.06 -6.22 1.46
C PHE A 369 -23.48 -5.97 2.91
N THR A 370 -24.80 -5.86 3.13
CA THR A 370 -25.37 -5.64 4.48
C THR A 370 -25.13 -6.94 5.26
N SER A 371 -25.48 -8.04 4.61
CA SER A 371 -25.31 -9.40 5.10
C SER A 371 -25.53 -10.37 3.95
N LEU A 372 -24.49 -11.13 3.64
CA LEU A 372 -24.53 -12.15 2.59
C LEU A 372 -24.30 -13.42 3.41
N ARG A 373 -25.33 -13.81 4.17
CA ARG A 373 -25.26 -14.99 5.05
C ARG A 373 -24.96 -16.35 4.43
N THR A 374 -25.55 -16.66 3.29
CA THR A 374 -25.35 -17.96 2.65
C THR A 374 -24.90 -17.90 1.19
N LEU A 375 -23.87 -18.69 0.87
CA LEU A 375 -23.36 -18.80 -0.48
C LEU A 375 -23.95 -20.11 -1.03
N THR A 376 -24.88 -19.96 -1.99
CA THR A 376 -25.59 -21.08 -2.62
C THR A 376 -24.94 -21.49 -3.94
N ASN A 377 -25.53 -22.48 -4.61
CA ASN A 377 -25.06 -22.97 -5.90
C ASN A 377 -25.41 -22.01 -7.06
N GLU A 378 -26.11 -20.93 -6.74
CA GLU A 378 -26.53 -19.90 -7.70
C GLU A 378 -25.95 -18.49 -7.47
N THR A 379 -25.45 -18.24 -6.26
CA THR A 379 -24.89 -16.93 -5.85
C THR A 379 -23.98 -16.23 -6.87
N PHE A 380 -23.05 -16.98 -7.46
CA PHE A 380 -22.08 -16.44 -8.42
C PHE A 380 -22.32 -16.86 -9.89
N VAL A 381 -23.55 -17.21 -10.25
CA VAL A 381 -23.90 -17.65 -11.61
C VAL A 381 -23.55 -16.66 -12.74
N SER A 382 -23.68 -15.36 -12.48
CA SER A 382 -23.39 -14.31 -13.46
C SER A 382 -21.91 -14.08 -13.80
N LEU A 383 -21.01 -14.76 -13.09
CA LEU A 383 -19.56 -14.66 -13.34
C LEU A 383 -19.02 -15.83 -14.14
N ALA A 384 -19.93 -16.74 -14.54
CA ALA A 384 -19.59 -17.94 -15.32
C ALA A 384 -18.81 -17.71 -16.63
N HIS A 385 -19.04 -16.57 -17.28
CA HIS A 385 -18.36 -16.24 -18.53
C HIS A 385 -17.24 -15.20 -18.41
N SER A 386 -16.75 -15.00 -17.17
CA SER A 386 -15.66 -14.07 -16.87
C SER A 386 -14.38 -14.86 -16.55
N PRO A 387 -13.20 -14.42 -17.06
CA PRO A 387 -11.93 -15.13 -16.78
C PRO A 387 -11.36 -14.64 -15.43
N LEU A 388 -12.21 -14.66 -14.40
CA LEU A 388 -11.88 -14.20 -13.05
C LEU A 388 -10.74 -14.97 -12.36
N HIS A 389 -9.72 -14.22 -11.93
CA HIS A 389 -8.54 -14.76 -11.25
C HIS A 389 -8.52 -14.50 -9.73
N ILE A 390 -8.96 -13.30 -9.30
CA ILE A 390 -8.94 -12.91 -7.89
C ILE A 390 -10.33 -12.44 -7.39
N LEU A 391 -10.78 -13.04 -6.28
CA LEU A 391 -12.06 -12.71 -5.66
C LEU A 391 -11.89 -12.49 -4.14
N ASN A 392 -12.17 -11.28 -3.68
CA ASN A 392 -12.05 -10.91 -2.26
C ASN A 392 -13.45 -10.80 -1.65
N LEU A 393 -13.75 -11.67 -0.67
CA LEU A 393 -15.05 -11.72 0.00
C LEU A 393 -15.00 -11.49 1.53
N THR A 394 -13.99 -10.77 2.01
CA THR A 394 -13.86 -10.50 3.46
C THR A 394 -14.91 -9.54 4.02
N LYS A 395 -15.06 -9.59 5.34
CA LYS A 395 -15.95 -8.74 6.14
C LYS A 395 -17.41 -8.63 5.67
N ASN A 396 -18.00 -9.76 5.30
CA ASN A 396 -19.39 -9.78 4.83
C ASN A 396 -20.34 -10.57 5.72
N LYS A 397 -19.85 -11.00 6.89
CA LYS A 397 -20.62 -11.78 7.88
C LYS A 397 -21.18 -13.10 7.32
N ILE A 398 -20.44 -13.72 6.40
CA ILE A 398 -20.83 -14.99 5.76
C ILE A 398 -20.87 -16.08 6.83
N SER A 399 -21.96 -16.85 6.84
CA SER A 399 -22.16 -17.91 7.83
C SER A 399 -22.09 -19.34 7.31
N LYS A 400 -22.50 -19.56 6.06
CA LYS A 400 -22.52 -20.90 5.47
C LYS A 400 -22.12 -20.90 4.00
N ILE A 401 -21.42 -21.96 3.59
CA ILE A 401 -21.01 -22.16 2.20
C ILE A 401 -21.56 -23.54 1.83
N GLU A 402 -22.53 -23.56 0.92
CA GLU A 402 -23.16 -24.81 0.47
C GLU A 402 -22.38 -25.45 -0.68
N SER A 403 -22.82 -26.64 -1.09
CA SER A 403 -22.18 -27.39 -2.18
C SER A 403 -22.26 -26.66 -3.51
N ASP A 404 -21.20 -26.79 -4.30
CA ASP A 404 -21.05 -26.20 -5.65
C ASP A 404 -21.15 -24.66 -5.75
N ALA A 405 -20.84 -23.97 -4.65
CA ALA A 405 -20.89 -22.49 -4.61
C ALA A 405 -19.95 -21.77 -5.56
N PHE A 406 -18.81 -22.40 -5.86
CA PHE A 406 -17.80 -21.80 -6.76
C PHE A 406 -17.58 -22.60 -8.06
N SER A 407 -18.57 -23.39 -8.49
CA SER A 407 -18.43 -24.20 -9.71
C SER A 407 -18.32 -23.41 -11.02
N TRP A 408 -18.78 -22.16 -10.96
CA TRP A 408 -18.79 -21.25 -12.09
C TRP A 408 -17.45 -20.54 -12.30
N LEU A 409 -16.57 -20.64 -11.30
CA LEU A 409 -15.26 -19.96 -11.31
C LEU A 409 -14.03 -20.83 -11.65
N GLY A 410 -14.06 -21.45 -12.83
CA GLY A 410 -12.99 -22.34 -13.28
C GLY A 410 -11.57 -21.79 -13.47
N HIS A 411 -11.44 -20.47 -13.57
CA HIS A 411 -10.13 -19.83 -13.76
C HIS A 411 -9.56 -19.18 -12.49
N LEU A 412 -10.33 -19.22 -11.39
CA LEU A 412 -9.93 -18.61 -10.11
C LEU A 412 -8.63 -19.13 -9.49
N GLU A 413 -7.78 -18.19 -9.08
CA GLU A 413 -6.47 -18.49 -8.47
C GLU A 413 -6.40 -18.13 -6.97
N VAL A 414 -6.97 -16.97 -6.60
CA VAL A 414 -6.99 -16.49 -5.21
C VAL A 414 -8.42 -16.28 -4.70
N LEU A 415 -8.74 -16.90 -3.57
CA LEU A 415 -10.06 -16.80 -2.93
C LEU A 415 -9.90 -16.42 -1.44
N ASP A 416 -10.31 -15.20 -1.10
CA ASP A 416 -10.22 -14.69 0.27
C ASP A 416 -11.58 -14.70 0.98
N LEU A 417 -11.75 -15.68 1.87
CA LEU A 417 -12.98 -15.84 2.66
C LEU A 417 -12.74 -15.52 4.14
N GLY A 418 -11.61 -14.87 4.43
CA GLY A 418 -11.26 -14.51 5.79
C GLY A 418 -12.12 -13.43 6.43
N LEU A 419 -12.02 -13.27 7.76
CA LEU A 419 -12.77 -12.28 8.53
C LEU A 419 -14.31 -12.30 8.37
N ASN A 420 -14.89 -13.50 8.41
CA ASN A 420 -16.34 -13.71 8.32
C ASN A 420 -16.80 -14.46 9.60
N GLU A 421 -17.99 -15.07 9.58
N GLU A 421 -17.99 -15.08 9.57
CA GLU A 421 -18.52 -15.80 10.74
CA GLU A 421 -18.55 -15.81 10.72
C GLU A 421 -18.89 -17.26 10.37
C GLU A 421 -18.90 -17.25 10.35
N ILE A 422 -18.10 -17.85 9.47
CA ILE A 422 -18.32 -19.24 9.00
C ILE A 422 -18.17 -20.31 10.08
N GLY A 423 -19.26 -21.07 10.25
CA GLY A 423 -19.33 -22.15 11.22
C GLY A 423 -20.02 -23.36 10.61
N GLN A 424 -19.22 -24.32 10.14
CA GLN A 424 -19.72 -25.54 9.51
C GLN A 424 -18.64 -26.62 9.46
N GLU A 425 -19.00 -27.74 8.85
CA GLU A 425 -18.11 -28.86 8.59
C GLU A 425 -17.76 -28.67 7.10
N LEU A 426 -16.49 -28.82 6.74
CA LEU A 426 -16.10 -28.72 5.34
C LEU A 426 -16.14 -30.13 4.76
N THR A 427 -17.20 -30.42 4.00
CA THR A 427 -17.40 -31.74 3.38
C THR A 427 -16.50 -31.99 2.18
N GLY A 428 -16.11 -30.90 1.52
CA GLY A 428 -15.26 -30.99 0.35
C GLY A 428 -16.00 -30.64 -0.93
N GLN A 429 -17.33 -30.68 -0.89
CA GLN A 429 -18.18 -30.36 -2.05
C GLN A 429 -18.25 -28.86 -2.34
N GLU A 430 -17.82 -28.06 -1.36
CA GLU A 430 -17.80 -26.60 -1.47
C GLU A 430 -16.81 -26.11 -2.54
N TRP A 431 -15.75 -26.89 -2.77
CA TRP A 431 -14.70 -26.52 -3.73
C TRP A 431 -14.76 -27.10 -5.14
N ARG A 432 -15.86 -27.75 -5.51
CA ARG A 432 -16.00 -28.35 -6.84
C ARG A 432 -15.95 -27.30 -7.96
N GLY A 433 -15.11 -27.56 -8.97
CA GLY A 433 -14.95 -26.64 -10.09
C GLY A 433 -13.75 -25.71 -10.04
N LEU A 434 -13.10 -25.60 -8.88
CA LEU A 434 -11.92 -24.73 -8.71
C LEU A 434 -10.64 -25.43 -9.17
N GLU A 435 -10.54 -25.65 -10.49
CA GLU A 435 -9.41 -26.35 -11.09
C GLU A 435 -8.07 -25.65 -11.26
N ASN A 436 -8.05 -24.33 -11.08
CA ASN A 436 -6.81 -23.55 -11.21
C ASN A 436 -6.42 -22.83 -9.91
N ILE A 437 -7.05 -23.21 -8.80
CA ILE A 437 -6.80 -22.59 -7.49
C ILE A 437 -5.37 -22.72 -6.94
N PHE A 438 -4.84 -21.57 -6.50
CA PHE A 438 -3.49 -21.44 -5.97
C PHE A 438 -3.50 -21.15 -4.46
N GLU A 439 -4.43 -20.30 -4.02
CA GLU A 439 -4.51 -19.88 -2.62
C GLU A 439 -5.92 -19.67 -2.06
N ILE A 440 -6.16 -20.19 -0.86
CA ILE A 440 -7.42 -20.04 -0.13
C ILE A 440 -7.16 -19.50 1.28
N TYR A 441 -7.73 -18.32 1.59
CA TYR A 441 -7.63 -17.72 2.93
C TYR A 441 -8.96 -17.99 3.64
N LEU A 442 -8.89 -18.61 4.82
CA LEU A 442 -10.07 -18.93 5.61
C LEU A 442 -9.90 -18.48 7.07
N SER A 443 -8.84 -17.71 7.32
CA SER A 443 -8.50 -17.20 8.66
C SER A 443 -9.54 -16.27 9.30
N TYR A 444 -9.64 -16.34 10.62
CA TYR A 444 -10.57 -15.55 11.47
C TYR A 444 -12.05 -15.80 11.15
N ASN A 445 -12.52 -17.01 11.47
CA ASN A 445 -13.91 -17.43 11.27
C ASN A 445 -14.41 -18.10 12.58
N LYS A 446 -15.70 -18.42 12.67
CA LYS A 446 -16.31 -19.02 13.88
C LYS A 446 -15.77 -20.42 14.24
N TYR A 447 -16.01 -21.41 13.37
CA TYR A 447 -15.48 -22.77 13.56
C TYR A 447 -15.43 -23.55 12.24
N LEU A 448 -14.39 -24.36 12.05
CA LEU A 448 -14.25 -25.20 10.86
C LEU A 448 -13.89 -26.63 11.28
N GLN A 449 -14.74 -27.58 10.92
CA GLN A 449 -14.52 -29.01 11.22
C GLN A 449 -14.12 -29.71 9.93
N LEU A 450 -12.99 -30.41 9.98
CA LEU A 450 -12.46 -31.12 8.82
C LEU A 450 -12.77 -32.61 8.79
N THR A 451 -12.70 -33.19 7.59
CA THR A 451 -12.89 -34.62 7.33
C THR A 451 -11.76 -35.00 6.36
N ARG A 452 -11.66 -36.28 6.01
CA ARG A 452 -10.62 -36.75 5.09
C ARG A 452 -10.80 -36.30 3.63
N ASN A 453 -12.00 -35.83 3.29
CA ASN A 453 -12.32 -35.35 1.95
C ASN A 453 -12.45 -33.83 1.82
N SER A 454 -12.10 -33.09 2.88
CA SER A 454 -12.20 -31.62 2.92
C SER A 454 -11.54 -30.82 1.79
N PHE A 455 -10.38 -31.27 1.33
CA PHE A 455 -9.64 -30.59 0.27
C PHE A 455 -9.29 -31.51 -0.91
N ALA A 456 -10.02 -32.62 -1.05
CA ALA A 456 -9.79 -33.60 -2.13
C ALA A 456 -10.03 -33.12 -3.56
N LEU A 457 -10.99 -32.21 -3.72
CA LEU A 457 -11.32 -31.68 -5.05
C LEU A 457 -10.42 -30.57 -5.57
N VAL A 458 -9.43 -30.17 -4.75
CA VAL A 458 -8.48 -29.11 -5.13
C VAL A 458 -6.97 -29.46 -4.99
N PRO A 459 -6.47 -30.51 -5.71
CA PRO A 459 -5.07 -30.90 -5.62
C PRO A 459 -4.01 -29.91 -6.16
N SER A 460 -4.46 -28.81 -6.76
CA SER A 460 -3.54 -27.79 -7.30
C SER A 460 -3.11 -26.75 -6.25
N LEU A 461 -3.85 -26.68 -5.13
CA LEU A 461 -3.62 -25.73 -4.03
C LEU A 461 -2.19 -25.68 -3.47
N GLN A 462 -1.63 -24.47 -3.44
CA GLN A 462 -0.27 -24.28 -2.92
C GLN A 462 -0.20 -23.55 -1.57
N ARG A 463 -1.22 -22.77 -1.24
CA ARG A 463 -1.25 -21.99 0.02
C ARG A 463 -2.61 -22.07 0.73
N LEU A 464 -2.60 -22.51 1.99
CA LEU A 464 -3.82 -22.64 2.79
C LEU A 464 -3.65 -22.00 4.19
N MET A 465 -4.43 -20.97 4.48
CA MET A 465 -4.37 -20.26 5.77
C MET A 465 -5.60 -20.60 6.61
N LEU A 466 -5.38 -21.19 7.78
CA LEU A 466 -6.45 -21.60 8.70
C LEU A 466 -6.19 -21.08 10.14
N ARG A 467 -5.80 -19.81 10.24
CA ARG A 467 -5.50 -19.17 11.53
C ARG A 467 -6.76 -18.70 12.26
N ARG A 468 -6.81 -18.99 13.57
CA ARG A 468 -7.91 -18.65 14.49
C ARG A 468 -9.32 -18.99 14.01
N VAL A 469 -9.54 -20.29 13.76
CA VAL A 469 -10.83 -20.80 13.29
C VAL A 469 -11.36 -21.96 14.16
N ALA A 470 -10.82 -22.10 15.38
CA ALA A 470 -11.20 -23.17 16.34
C ALA A 470 -11.28 -24.53 15.64
N LEU A 471 -10.22 -24.84 14.89
CA LEU A 471 -10.12 -26.05 14.06
C LEU A 471 -10.29 -27.38 14.78
N LYS A 472 -11.24 -28.18 14.25
CA LYS A 472 -11.58 -29.50 14.77
C LYS A 472 -11.31 -30.61 13.76
N ASN A 473 -11.06 -31.81 14.31
CA ASN A 473 -10.79 -33.05 13.58
C ASN A 473 -9.64 -33.07 12.57
N VAL A 474 -8.52 -32.44 12.93
CA VAL A 474 -7.33 -32.41 12.09
C VAL A 474 -6.60 -33.76 12.22
N ASP A 475 -6.95 -34.50 13.27
CA ASP A 475 -6.39 -35.82 13.57
C ASP A 475 -7.15 -36.98 12.89
N SER A 476 -7.65 -36.72 11.69
CA SER A 476 -8.38 -37.71 10.89
C SER A 476 -7.35 -38.61 10.21
N SER A 477 -7.75 -39.85 9.96
CA SER A 477 -6.87 -40.82 9.29
C SER A 477 -7.61 -41.41 8.07
N PRO A 478 -7.11 -41.14 6.83
CA PRO A 478 -5.94 -40.34 6.45
C PRO A 478 -6.14 -38.82 6.59
N SER A 479 -5.04 -38.10 6.78
CA SER A 479 -5.00 -36.65 6.96
C SER A 479 -5.80 -35.81 5.96
N PRO A 480 -6.45 -34.71 6.44
CA PRO A 480 -7.23 -33.84 5.54
C PRO A 480 -6.32 -33.15 4.50
N PHE A 481 -5.02 -33.11 4.77
CA PHE A 481 -4.03 -32.49 3.89
C PHE A 481 -3.33 -33.45 2.93
N GLN A 482 -3.62 -34.75 3.04
CA GLN A 482 -3.00 -35.79 2.19
C GLN A 482 -3.03 -35.60 0.65
N PRO A 483 -4.17 -35.15 0.07
CA PRO A 483 -4.15 -34.99 -1.39
C PRO A 483 -3.44 -33.74 -1.94
N LEU A 484 -3.00 -32.84 -1.05
CA LEU A 484 -2.34 -31.59 -1.42
C LEU A 484 -0.81 -31.69 -1.56
N ARG A 485 -0.35 -32.49 -2.52
CA ARG A 485 1.09 -32.72 -2.78
C ARG A 485 1.94 -31.49 -3.15
N ASN A 486 1.30 -30.45 -3.70
CA ASN A 486 2.01 -29.23 -4.11
C ASN A 486 1.99 -28.07 -3.10
N LEU A 487 1.50 -28.33 -1.87
CA LEU A 487 1.41 -27.32 -0.80
C LEU A 487 2.76 -26.78 -0.34
N THR A 488 2.88 -25.44 -0.29
CA THR A 488 4.12 -24.77 0.13
C THR A 488 3.99 -24.00 1.45
N ILE A 489 2.78 -23.49 1.75
CA ILE A 489 2.51 -22.71 2.97
C ILE A 489 1.25 -23.24 3.69
N LEU A 490 1.41 -23.53 4.99
CA LEU A 490 0.30 -24.00 5.82
C LEU A 490 0.30 -23.25 7.18
N ASP A 491 -0.78 -22.53 7.46
CA ASP A 491 -0.91 -21.77 8.71
C ASP A 491 -2.03 -22.40 9.56
N LEU A 492 -1.64 -23.04 10.67
CA LEU A 492 -2.58 -23.68 11.60
C LEU A 492 -2.50 -23.04 13.00
N SER A 493 -2.00 -21.81 13.06
CA SER A 493 -1.85 -21.09 14.32
C SER A 493 -3.13 -20.63 15.02
N ASN A 494 -3.01 -20.41 16.34
CA ASN A 494 -4.09 -19.93 17.22
C ASN A 494 -5.39 -20.73 17.24
N ASN A 495 -5.28 -22.05 17.21
CA ASN A 495 -6.44 -22.93 17.22
C ASN A 495 -6.60 -23.81 18.46
N ASN A 496 -5.67 -23.70 19.41
CA ASN A 496 -5.65 -24.46 20.66
C ASN A 496 -5.74 -26.01 20.46
N ILE A 497 -5.08 -26.49 19.40
CA ILE A 497 -5.04 -27.92 19.02
C ILE A 497 -4.21 -28.76 20.01
N ALA A 498 -4.79 -29.87 20.45
CA ALA A 498 -4.16 -30.77 21.41
C ALA A 498 -3.71 -32.10 20.83
N ASN A 499 -4.36 -32.56 19.75
CA ASN A 499 -4.02 -33.85 19.16
C ASN A 499 -3.84 -33.86 17.63
N ILE A 500 -2.69 -34.39 17.19
CA ILE A 500 -2.35 -34.57 15.76
C ILE A 500 -1.65 -35.93 15.61
N ASN A 501 -1.90 -36.61 14.49
CA ASN A 501 -1.29 -37.93 14.21
C ASN A 501 0.05 -37.80 13.49
N ASP A 502 0.82 -38.89 13.52
CA ASP A 502 2.15 -39.00 12.89
C ASP A 502 2.20 -38.63 11.40
N ASP A 503 1.17 -39.05 10.67
CA ASP A 503 1.06 -38.84 9.24
C ASP A 503 0.33 -37.57 8.75
N MET A 504 0.16 -36.57 9.62
CA MET A 504 -0.54 -35.32 9.26
C MET A 504 0.01 -34.64 8.02
N LEU A 505 1.34 -34.60 7.91
CA LEU A 505 2.02 -33.96 6.80
C LEU A 505 2.81 -34.92 5.89
N GLU A 506 2.37 -36.19 5.84
CA GLU A 506 3.02 -37.22 5.02
C GLU A 506 2.81 -36.96 3.51
N GLY A 507 3.92 -36.98 2.77
CA GLY A 507 3.87 -36.75 1.33
C GLY A 507 3.95 -35.29 0.90
N LEU A 508 4.03 -34.38 1.86
CA LEU A 508 4.11 -32.95 1.53
C LEU A 508 5.58 -32.52 1.49
N GLU A 509 6.29 -33.06 0.51
CA GLU A 509 7.72 -32.80 0.29
C GLU A 509 8.07 -31.38 -0.15
N LYS A 510 7.08 -30.64 -0.66
CA LYS A 510 7.33 -29.27 -1.11
C LYS A 510 6.99 -28.17 -0.08
N LEU A 511 6.54 -28.55 1.11
CA LEU A 511 6.17 -27.58 2.18
C LEU A 511 7.36 -26.76 2.66
N GLU A 512 7.23 -25.43 2.59
CA GLU A 512 8.28 -24.48 2.97
C GLU A 512 8.05 -23.67 4.26
N ILE A 513 6.78 -23.31 4.54
CA ILE A 513 6.41 -22.54 5.72
C ILE A 513 5.30 -23.28 6.51
N LEU A 514 5.55 -23.49 7.81
CA LEU A 514 4.60 -24.16 8.71
C LEU A 514 4.49 -23.36 10.01
N ASP A 515 3.29 -22.83 10.27
CA ASP A 515 3.00 -22.05 11.48
C ASP A 515 2.09 -22.86 12.40
N LEU A 516 2.59 -23.18 13.59
CA LEU A 516 1.86 -23.96 14.58
C LEU A 516 1.85 -23.32 15.97
N GLN A 517 2.15 -22.02 16.04
CA GLN A 517 2.17 -21.29 17.31
C GLN A 517 0.79 -21.15 17.95
N HIS A 518 0.78 -20.98 19.28
CA HIS A 518 -0.44 -20.83 20.09
C HIS A 518 -1.41 -22.02 20.04
N ASN A 519 -0.88 -23.22 20.21
CA ASN A 519 -1.67 -24.45 20.27
C ASN A 519 -1.32 -25.16 21.60
N ASN A 520 -1.79 -26.40 21.81
CA ASN A 520 -1.50 -27.14 23.06
C ASN A 520 -0.85 -28.52 22.77
N LEU A 521 0.25 -28.52 22.02
CA LEU A 521 0.95 -29.76 21.61
C LEU A 521 1.98 -30.38 22.59
N ALA A 522 2.19 -29.75 23.76
CA ALA A 522 3.15 -30.20 24.81
C ALA A 522 3.30 -31.68 25.12
N ARG A 523 2.18 -32.33 25.40
CA ARG A 523 2.08 -33.75 25.75
C ARG A 523 2.65 -34.68 24.68
N LEU A 524 2.41 -34.32 23.41
CA LEU A 524 2.85 -35.13 22.26
C LEU A 524 4.36 -35.33 22.14
N TRP A 525 5.13 -34.44 22.76
CA TRP A 525 6.60 -34.53 22.74
C TRP A 525 7.24 -34.99 24.07
N LYS A 526 6.41 -35.43 25.02
CA LYS A 526 6.88 -35.94 26.31
C LYS A 526 7.14 -37.43 26.16
N HIS A 527 8.22 -37.95 26.76
CA HIS A 527 8.58 -39.38 26.64
C HIS A 527 7.55 -40.40 27.12
N ALA A 528 6.75 -40.01 28.11
CA ALA A 528 5.72 -40.86 28.70
C ALA A 528 4.37 -40.86 27.97
N ASN A 529 4.30 -40.18 26.81
CA ASN A 529 3.07 -40.12 26.00
C ASN A 529 2.68 -41.52 25.55
N PRO A 530 1.44 -41.97 25.84
CA PRO A 530 0.96 -43.31 25.45
C PRO A 530 1.08 -43.59 23.96
N GLY A 531 1.89 -44.60 23.64
CA GLY A 531 2.15 -44.99 22.26
C GLY A 531 3.46 -44.41 21.75
N GLY A 532 4.11 -43.61 22.60
CA GLY A 532 5.36 -42.96 22.24
C GLY A 532 5.19 -41.55 21.70
N PRO A 533 6.28 -40.77 21.52
CA PRO A 533 6.25 -39.39 20.98
C PRO A 533 5.79 -39.32 19.50
N ILE A 534 5.16 -38.21 19.13
CA ILE A 534 4.64 -38.01 17.77
C ILE A 534 5.63 -37.25 16.86
N TYR A 535 6.15 -37.97 15.86
CA TYR A 535 7.12 -37.44 14.91
C TYR A 535 6.45 -36.84 13.66
N PHE A 536 5.71 -35.74 13.85
CA PHE A 536 4.97 -35.06 12.77
C PHE A 536 5.76 -34.23 11.75
N LEU A 537 7.08 -34.09 11.96
CA LEU A 537 7.96 -33.33 11.07
C LEU A 537 8.79 -34.23 10.12
N LYS A 538 8.42 -35.51 10.07
CA LYS A 538 9.10 -36.52 9.23
C LYS A 538 8.97 -36.28 7.72
N GLY A 539 10.10 -36.31 7.02
CA GLY A 539 10.15 -36.14 5.58
C GLY A 539 9.98 -34.76 4.97
N LEU A 540 9.93 -33.72 5.81
CA LEU A 540 9.77 -32.34 5.31
C LEU A 540 11.11 -31.75 4.89
N SER A 541 11.66 -32.34 3.82
CA SER A 541 12.96 -31.95 3.27
C SER A 541 13.16 -30.54 2.72
N HIS A 542 12.07 -29.84 2.41
CA HIS A 542 12.15 -28.49 1.89
C HIS A 542 11.65 -27.39 2.84
N LEU A 543 11.46 -27.75 4.13
CA LEU A 543 10.99 -26.78 5.15
C LEU A 543 12.04 -25.71 5.45
N HIS A 544 11.63 -24.44 5.31
CA HIS A 544 12.51 -23.30 5.55
C HIS A 544 12.19 -22.51 6.82
N ILE A 545 10.89 -22.34 7.12
CA ILE A 545 10.44 -21.59 8.30
C ILE A 545 9.48 -22.43 9.16
N LEU A 546 9.80 -22.54 10.46
CA LEU A 546 8.99 -23.31 11.42
C LEU A 546 8.73 -22.52 12.71
N ASN A 547 7.45 -22.25 12.99
CA ASN A 547 7.05 -21.51 14.20
C ASN A 547 6.32 -22.47 15.16
N LEU A 548 6.93 -22.68 16.32
CA LEU A 548 6.38 -23.57 17.36
C LEU A 548 6.21 -22.88 18.73
N GLU A 549 6.10 -21.55 18.71
CA GLU A 549 5.94 -20.75 19.93
C GLU A 549 4.66 -21.04 20.70
N SER A 550 4.68 -20.74 21.99
CA SER A 550 3.54 -20.89 22.90
C SER A 550 2.73 -22.19 22.82
N ASN A 551 3.42 -23.31 23.05
CA ASN A 551 2.79 -24.63 23.04
C ASN A 551 3.00 -25.33 24.39
N GLY A 552 3.77 -24.69 25.27
CA GLY A 552 4.06 -25.24 26.59
C GLY A 552 5.01 -26.44 26.60
N PHE A 553 5.91 -26.53 25.61
CA PHE A 553 6.88 -27.63 25.51
C PHE A 553 7.89 -27.60 26.66
N ASP A 554 8.16 -28.76 27.26
CA ASP A 554 9.17 -28.86 28.31
C ASP A 554 10.13 -30.04 28.08
N GLU A 555 9.90 -30.74 26.95
CA GLU A 555 10.68 -31.89 26.49
C GLU A 555 10.71 -31.89 24.96
N ILE A 556 11.84 -32.29 24.37
CA ILE A 556 12.00 -32.40 22.90
C ILE A 556 12.72 -33.72 22.58
N PRO A 557 12.08 -34.66 21.83
CA PRO A 557 12.69 -35.95 21.47
C PRO A 557 13.87 -35.72 20.51
N VAL A 558 14.95 -36.46 20.72
CA VAL A 558 16.20 -36.34 19.94
C VAL A 558 16.11 -36.42 18.41
N GLU A 559 15.13 -37.15 17.90
CA GLU A 559 14.97 -37.33 16.44
C GLU A 559 13.92 -36.48 15.70
N VAL A 560 13.26 -35.51 16.35
CA VAL A 560 12.22 -34.70 15.68
C VAL A 560 12.62 -33.79 14.52
N PHE A 561 13.84 -33.25 14.55
CA PHE A 561 14.32 -32.35 13.48
C PHE A 561 15.29 -33.05 12.50
N LYS A 562 15.32 -34.38 12.56
CA LYS A 562 16.19 -35.26 11.77
C LYS A 562 16.22 -35.05 10.24
N ASP A 563 15.05 -34.87 9.63
CA ASP A 563 14.94 -34.69 8.19
C ASP A 563 14.93 -33.25 7.69
N LEU A 564 15.15 -32.28 8.59
CA LEU A 564 15.09 -30.85 8.21
C LEU A 564 16.42 -30.19 7.81
N PHE A 565 17.05 -30.75 6.77
CA PHE A 565 18.33 -30.28 6.23
C PHE A 565 18.35 -28.85 5.67
N GLU A 566 17.20 -28.39 5.17
CA GLU A 566 17.07 -27.07 4.57
C GLU A 566 16.52 -25.95 5.47
N LEU A 567 16.21 -26.28 6.74
CA LEU A 567 15.64 -25.31 7.69
C LEU A 567 16.53 -24.11 7.96
N LYS A 568 15.96 -22.91 7.75
CA LYS A 568 16.66 -21.64 7.93
C LYS A 568 16.27 -20.88 9.20
N ILE A 569 14.98 -20.89 9.54
CA ILE A 569 14.45 -20.19 10.72
C ILE A 569 13.61 -21.10 11.62
N ILE A 570 13.95 -21.16 12.89
CA ILE A 570 13.20 -21.92 13.88
C ILE A 570 12.85 -21.02 15.10
N ASP A 571 11.55 -20.97 15.43
N ASP A 571 11.56 -20.97 15.45
CA ASP A 571 11.03 -20.17 16.56
CA ASP A 571 11.08 -20.17 16.57
C ASP A 571 10.47 -21.10 17.64
C ASP A 571 10.47 -21.08 17.65
N LEU A 572 11.18 -21.21 18.77
CA LEU A 572 10.76 -22.04 19.89
C LEU A 572 10.60 -21.22 21.17
N GLY A 573 10.49 -19.90 21.00
CA GLY A 573 10.31 -19.00 22.13
C GLY A 573 8.98 -19.16 22.83
N LEU A 574 8.86 -18.59 24.03
CA LEU A 574 7.65 -18.64 24.87
C LEU A 574 7.17 -20.06 25.22
N ASN A 575 8.13 -20.93 25.56
CA ASN A 575 7.83 -22.30 25.97
C ASN A 575 8.47 -22.52 27.36
N ASN A 576 8.44 -23.75 27.88
CA ASN A 576 8.99 -24.06 29.21
C ASN A 576 10.20 -25.03 29.16
N LEU A 577 11.05 -24.86 28.15
CA LEU A 577 12.23 -25.72 27.92
C LEU A 577 13.46 -25.48 28.79
N ASN A 578 14.14 -26.56 29.16
CA ASN A 578 15.37 -26.50 29.95
C ASN A 578 16.41 -27.48 29.39
N THR A 579 16.23 -28.78 29.70
CA THR A 579 17.14 -29.82 29.25
C THR A 579 16.82 -30.27 27.82
N LEU A 580 17.82 -30.12 26.95
CA LEU A 580 17.72 -30.53 25.54
C LEU A 580 18.74 -31.66 25.33
N PRO A 581 18.32 -32.80 24.73
CA PRO A 581 19.23 -33.92 24.48
C PRO A 581 20.36 -33.67 23.47
N ALA A 582 21.46 -34.39 23.65
CA ALA A 582 22.65 -34.27 22.79
C ALA A 582 22.36 -34.68 21.36
N SER A 583 22.84 -33.86 20.43
CA SER A 583 22.70 -34.02 18.97
C SER A 583 21.29 -33.77 18.38
N VAL A 584 20.51 -32.93 19.07
CA VAL A 584 19.14 -32.59 18.65
C VAL A 584 19.12 -31.67 17.41
N PHE A 585 20.20 -30.89 17.24
CA PHE A 585 20.35 -29.96 16.12
C PHE A 585 21.46 -30.36 15.13
N ASN A 586 21.84 -31.64 15.15
CA ASN A 586 22.91 -32.16 14.29
C ASN A 586 22.76 -32.09 12.78
N ASN A 587 21.53 -32.15 12.27
CA ASN A 587 21.26 -32.10 10.84
C ASN A 587 20.85 -30.71 10.32
N GLN A 588 20.93 -29.69 11.19
CA GLN A 588 20.57 -28.32 10.83
C GLN A 588 21.74 -27.51 10.26
N VAL A 589 22.23 -27.97 9.11
CA VAL A 589 23.37 -27.36 8.40
C VAL A 589 23.09 -26.06 7.64
N SER A 590 21.82 -25.66 7.56
CA SER A 590 21.42 -24.43 6.85
C SER A 590 20.86 -23.34 7.78
N LEU A 591 20.85 -23.58 9.10
CA LEU A 591 20.28 -22.63 10.08
C LEU A 591 20.90 -21.24 10.16
N LYS A 592 20.04 -20.24 10.01
CA LYS A 592 20.43 -18.83 10.03
C LYS A 592 19.81 -18.02 11.18
N SER A 593 18.71 -18.52 11.76
CA SER A 593 18.03 -17.81 12.85
C SER A 593 17.44 -18.77 13.88
N LEU A 594 17.82 -18.56 15.14
CA LEU A 594 17.38 -19.38 16.27
C LEU A 594 16.80 -18.49 17.39
N ASN A 595 15.56 -18.76 17.77
CA ASN A 595 14.87 -18.02 18.83
C ASN A 595 14.43 -19.00 19.91
N LEU A 596 14.89 -18.75 21.13
CA LEU A 596 14.57 -19.57 22.30
C LEU A 596 14.32 -18.67 23.53
N GLN A 597 13.79 -17.47 23.29
CA GLN A 597 13.49 -16.49 24.34
C GLN A 597 12.37 -16.91 25.30
N LYS A 598 12.44 -16.36 26.53
CA LYS A 598 11.47 -16.57 27.61
C LYS A 598 11.16 -18.03 27.97
N ASN A 599 12.18 -18.87 27.93
CA ASN A 599 12.07 -20.28 28.30
C ASN A 599 12.63 -20.45 29.73
N LEU A 600 12.97 -21.67 30.13
CA LEU A 600 13.53 -21.94 31.46
C LEU A 600 14.94 -22.56 31.35
N ILE A 601 15.73 -22.08 30.39
CA ILE A 601 17.09 -22.59 30.12
C ILE A 601 18.21 -22.20 31.10
N THR A 602 18.90 -23.22 31.65
CA THR A 602 20.02 -23.02 32.57
C THR A 602 21.40 -23.31 31.95
N SER A 603 21.49 -24.39 31.16
CA SER A 603 22.75 -24.82 30.51
C SER A 603 22.74 -24.68 28.99
N VAL A 604 23.85 -24.15 28.46
CA VAL A 604 24.05 -23.95 27.01
C VAL A 604 25.39 -24.65 26.64
N GLU A 605 25.32 -25.96 26.36
CA GLU A 605 26.51 -26.75 26.03
C GLU A 605 26.71 -27.11 24.56
N LYS A 606 27.98 -27.34 24.20
CA LYS A 606 28.44 -27.70 22.84
C LYS A 606 27.75 -28.92 22.22
N LYS A 607 27.59 -29.98 23.01
CA LYS A 607 26.94 -31.22 22.57
C LYS A 607 25.49 -31.06 22.08
N VAL A 608 24.93 -29.85 22.29
CA VAL A 608 23.58 -29.51 21.90
C VAL A 608 23.57 -28.36 20.88
N PHE A 609 24.19 -27.24 21.25
CA PHE A 609 24.21 -26.03 20.43
C PHE A 609 25.32 -25.82 19.40
N GLY A 610 26.34 -26.68 19.43
CA GLY A 610 27.46 -26.60 18.50
C GLY A 610 27.14 -26.50 17.01
N PRO A 611 26.39 -27.46 16.42
CA PRO A 611 26.04 -27.42 14.99
C PRO A 611 25.10 -26.26 14.62
N ALA A 612 24.20 -25.92 15.55
CA ALA A 612 23.23 -24.85 15.34
C ALA A 612 23.84 -23.44 15.35
N PHE A 613 24.89 -23.25 16.13
CA PHE A 613 25.58 -21.95 16.26
C PHE A 613 26.56 -21.57 15.16
N ARG A 614 27.05 -22.58 14.43
CA ARG A 614 28.05 -22.43 13.36
C ARG A 614 28.05 -21.20 12.42
N ASN A 615 26.99 -21.04 11.62
CA ASN A 615 26.89 -19.93 10.67
C ASN A 615 25.62 -19.09 10.83
N LEU A 616 25.21 -18.85 12.08
CA LEU A 616 23.99 -18.06 12.36
C LEU A 616 24.13 -16.58 12.02
N THR A 617 23.01 -15.95 11.70
CA THR A 617 22.94 -14.52 11.38
C THR A 617 22.39 -13.81 12.62
N GLU A 618 21.30 -14.35 13.19
CA GLU A 618 20.62 -13.79 14.36
C GLU A 618 20.41 -14.84 15.46
N LEU A 619 20.49 -14.40 16.72
CA LEU A 619 20.27 -15.24 17.89
C LEU A 619 19.43 -14.48 18.91
N ASP A 620 18.44 -15.17 19.47
CA ASP A 620 17.55 -14.60 20.49
C ASP A 620 17.31 -15.64 21.60
N MET A 621 18.08 -15.51 22.69
CA MET A 621 17.93 -16.39 23.86
C MET A 621 17.73 -15.54 25.13
N ARG A 622 17.12 -14.35 24.95
CA ARG A 622 16.82 -13.40 26.03
C ARG A 622 15.86 -13.95 27.09
N PHE A 623 15.94 -13.38 28.29
CA PHE A 623 15.09 -13.72 29.44
C PHE A 623 15.08 -15.18 29.90
N ASN A 624 16.26 -15.77 30.06
CA ASN A 624 16.40 -17.16 30.54
C ASN A 624 17.19 -17.19 31.86
N PRO A 625 16.88 -18.15 32.77
CA PRO A 625 17.60 -18.24 34.05
C PRO A 625 18.94 -19.00 33.95
N PHE A 626 19.94 -18.34 33.37
CA PHE A 626 21.28 -18.90 33.15
C PHE A 626 22.09 -19.28 34.40
N ASP A 627 22.71 -20.46 34.35
CA ASP A 627 23.56 -20.97 35.44
C ASP A 627 24.99 -20.55 35.12
N CYS A 628 25.56 -19.71 35.99
CA CYS A 628 26.92 -19.20 35.78
C CYS A 628 28.06 -19.92 36.51
N THR A 629 28.33 -21.13 36.01
CA THR A 629 29.41 -22.03 36.47
C THR A 629 30.21 -22.44 35.23
N CYS A 630 31.21 -23.30 35.40
CA CYS A 630 32.06 -23.76 34.29
C CYS A 630 31.41 -24.80 33.38
N GLU A 631 30.71 -25.75 33.99
CA GLU A 631 30.04 -26.84 33.28
C GLU A 631 28.74 -26.43 32.58
N SER A 632 28.33 -25.18 32.76
CA SER A 632 27.09 -24.68 32.16
C SER A 632 27.19 -23.52 31.19
N ILE A 633 28.20 -22.65 31.33
CA ILE A 633 28.30 -21.48 30.47
C ILE A 633 29.67 -21.12 29.86
N ALA A 634 30.73 -21.82 30.27
CA ALA A 634 32.10 -21.56 29.78
C ALA A 634 32.27 -21.48 28.26
N TRP A 635 31.73 -22.47 27.56
CA TRP A 635 31.79 -22.56 26.10
C TRP A 635 30.96 -21.45 25.43
N PHE A 636 29.81 -21.12 26.03
CA PHE A 636 28.90 -20.08 25.53
C PHE A 636 29.53 -18.69 25.60
N VAL A 637 30.22 -18.38 26.70
CA VAL A 637 30.87 -17.07 26.88
C VAL A 637 32.05 -16.92 25.92
N ASN A 638 32.76 -18.04 25.70
CA ASN A 638 33.90 -18.08 24.79
C ASN A 638 33.48 -17.88 23.34
N TRP A 639 32.25 -18.32 23.03
CA TRP A 639 31.65 -18.19 21.69
C TRP A 639 31.23 -16.73 21.45
N ILE A 640 30.58 -16.11 22.46
CA ILE A 640 30.09 -14.73 22.39
C ILE A 640 31.19 -13.69 22.10
N ASN A 641 32.36 -13.87 22.72
CA ASN A 641 33.50 -12.96 22.55
C ASN A 641 34.12 -12.96 21.14
N GLU A 642 34.06 -14.10 20.43
CA GLU A 642 34.65 -14.21 19.09
C GLU A 642 33.70 -14.35 17.88
N THR A 643 32.39 -14.28 18.09
CA THR A 643 31.43 -14.42 16.98
C THR A 643 31.00 -13.12 16.29
N HIS A 644 30.55 -13.27 15.05
CA HIS A 644 30.07 -12.16 14.22
C HIS A 644 28.52 -12.18 14.14
N THR A 645 27.92 -13.15 14.84
CA THR A 645 26.46 -13.33 14.89
C THR A 645 25.84 -12.18 15.70
N ASN A 646 24.83 -11.54 15.11
CA ASN A 646 24.11 -10.43 15.71
C ASN A 646 23.22 -10.91 16.87
N ILE A 647 23.59 -10.51 18.09
CA ILE A 647 22.84 -10.86 19.31
C ILE A 647 22.30 -9.56 19.95
N PRO A 648 21.03 -9.17 19.64
CA PRO A 648 20.43 -7.95 20.18
C PRO A 648 20.19 -7.98 21.70
N GLU A 649 20.37 -6.81 22.35
CA GLU A 649 20.20 -6.61 23.81
C GLU A 649 21.02 -7.57 24.70
N LEU A 650 22.25 -7.86 24.25
CA LEU A 650 23.18 -8.77 24.94
C LEU A 650 23.64 -8.31 26.33
N SER A 651 23.95 -7.02 26.44
CA SER A 651 24.41 -6.43 27.70
C SER A 651 23.32 -6.37 28.78
N SER A 652 22.12 -5.97 28.37
CA SER A 652 20.99 -5.81 29.28
C SER A 652 20.11 -7.01 29.65
N HIS A 653 19.76 -7.86 28.67
CA HIS A 653 18.86 -8.98 28.93
C HIS A 653 19.33 -10.45 28.99
N TYR A 654 20.63 -10.65 29.22
CA TYR A 654 21.22 -12.01 29.34
C TYR A 654 21.89 -12.09 30.72
N LEU A 655 21.08 -12.38 31.74
CA LEU A 655 21.53 -12.43 33.14
C LEU A 655 21.57 -13.81 33.80
N CYS A 656 22.45 -13.95 34.81
CA CYS A 656 22.60 -15.19 35.58
C CYS A 656 21.54 -15.23 36.70
N ASN A 657 21.18 -16.43 37.14
CA ASN A 657 20.19 -16.62 38.20
C ASN A 657 20.80 -17.42 39.35
N THR A 658 21.32 -18.60 39.02
CA THR A 658 21.96 -19.51 39.96
C THR A 658 23.45 -19.60 39.60
N PRO A 659 24.38 -19.56 40.60
CA PRO A 659 24.35 -19.45 42.07
C PRO A 659 24.02 -18.03 42.60
N PRO A 660 23.55 -17.89 43.87
CA PRO A 660 23.21 -16.58 44.46
C PRO A 660 24.29 -15.51 44.49
N HIS A 661 25.53 -15.93 44.27
CA HIS A 661 26.71 -15.05 44.22
C HIS A 661 26.70 -14.25 42.91
N TYR A 662 26.23 -14.89 41.83
CA TYR A 662 26.16 -14.29 40.50
C TYR A 662 24.75 -13.82 40.07
N HIS A 663 23.81 -13.77 41.01
CA HIS A 663 22.43 -13.35 40.75
C HIS A 663 22.32 -11.91 40.26
N GLY A 664 21.86 -11.74 39.02
CA GLY A 664 21.69 -10.43 38.41
C GLY A 664 22.88 -9.93 37.61
N PHE A 665 23.96 -10.71 37.60
CA PHE A 665 25.20 -10.38 36.90
C PHE A 665 25.11 -10.84 35.42
N PRO A 666 25.54 -9.99 34.46
CA PRO A 666 25.51 -10.35 33.02
C PRO A 666 26.44 -11.51 32.67
N VAL A 667 25.97 -12.40 31.80
CA VAL A 667 26.76 -13.58 31.37
C VAL A 667 27.93 -13.26 30.45
N ARG A 668 27.91 -12.04 29.91
CA ARG A 668 28.94 -11.52 29.00
C ARG A 668 30.25 -11.24 29.75
N LEU A 669 30.11 -10.78 31.00
CA LEU A 669 31.23 -10.43 31.86
C LEU A 669 31.78 -11.57 32.74
N PHE A 670 31.50 -12.81 32.36
CA PHE A 670 31.97 -13.99 33.09
C PHE A 670 33.44 -14.31 32.79
N ASP A 671 34.15 -14.82 33.80
CA ASP A 671 35.56 -15.19 33.69
C ASP A 671 35.72 -16.68 33.36
N THR A 672 36.31 -16.95 32.20
CA THR A 672 36.52 -18.32 31.70
C THR A 672 37.92 -18.89 31.94
N SER A 673 38.79 -18.05 32.51
CA SER A 673 40.19 -18.41 32.81
C SER A 673 40.37 -19.47 33.91
N SER A 674 39.34 -19.62 34.75
CA SER A 674 39.35 -20.59 35.85
C SER A 674 38.88 -21.99 35.43
N CYS A 675 38.24 -22.07 34.27
CA CYS A 675 37.71 -23.33 33.73
C CYS A 675 38.69 -24.04 32.79
C1 NAG B . 34.38 19.17 -2.93
C2 NAG B . 35.50 18.56 -3.79
C3 NAG B . 36.31 17.54 -2.95
C4 NAG B . 36.75 18.13 -1.60
C5 NAG B . 35.58 18.82 -0.88
C6 NAG B . 36.02 19.58 0.36
C7 NAG B . 34.67 16.65 -5.06
C8 NAG B . 33.52 16.13 -4.21
N2 NAG B . 34.95 17.96 -4.99
O3 NAG B . 37.46 17.13 -3.68
O4 NAG B . 37.26 17.07 -0.76
O5 NAG B . 34.94 19.78 -1.76
O6 NAG B . 36.98 20.58 0.04
O7 NAG B . 35.30 15.88 -5.79
C1 NAG B . 38.57 17.20 -0.32
C2 NAG B . 38.69 16.67 1.10
C3 NAG B . 40.16 16.74 1.55
C4 NAG B . 41.05 16.00 0.55
C5 NAG B . 40.81 16.52 -0.87
C6 NAG B . 41.57 15.72 -1.92
C7 NAG B . 36.95 16.83 2.77
C8 NAG B . 37.34 16.54 4.22
N2 NAG B . 37.85 17.44 2.01
O3 NAG B . 40.29 16.17 2.85
O4 NAG B . 42.41 16.17 0.91
O5 NAG B . 39.40 16.44 -1.21
O6 NAG B . 42.19 16.56 -2.88
O7 NAG B . 35.84 16.49 2.36
C1 NAG C . 26.66 39.20 3.07
C2 NAG C . 25.65 39.30 4.21
C3 NAG C . 25.85 40.65 4.93
C4 NAG C . 27.33 40.84 5.34
C5 NAG C . 28.27 40.57 4.17
C6 NAG C . 29.73 40.55 4.59
C7 NAG C . 23.43 38.37 4.22
C8 NAG C . 22.36 38.96 5.14
N2 NAG C . 24.31 39.22 3.69
O3 NAG C . 25.03 40.69 6.10
O4 NAG C . 27.52 42.19 5.81
O5 NAG C . 27.99 39.28 3.57
O6 NAG C . 30.58 40.96 3.53
O7 NAG C . 23.46 37.16 4.01
C1 NAG C . 28.06 42.35 7.09
C2 NAG C . 28.54 43.80 7.27
C3 NAG C . 28.99 44.05 8.73
C4 NAG C . 27.92 43.56 9.73
C5 NAG C . 27.50 42.12 9.40
C6 NAG C . 26.38 41.61 10.31
C7 NAG C . 30.88 43.71 6.54
C8 NAG C . 31.87 44.77 6.97
N2 NAG C . 29.62 44.11 6.33
O3 NAG C . 29.23 45.43 8.93
O4 NAG C . 28.44 43.62 11.05
O5 NAG C . 27.03 42.04 8.04
O6 NAG C . 25.17 42.31 10.06
O7 NAG C . 31.24 42.54 6.40
C1 NAG D . -3.45 10.95 -16.48
C2 NAG D . -1.98 11.17 -16.10
C3 NAG D . -1.28 9.83 -15.84
C4 NAG D . -2.08 8.94 -14.89
C5 NAG D . -3.54 8.85 -15.35
C6 NAG D . -4.41 8.10 -14.36
C7 NAG D . -1.05 11.42 -18.35
C8 NAG D . 0.24 10.63 -18.55
N2 NAG D . -1.28 11.93 -17.13
O3 NAG D . 0.00 10.05 -15.28
O4 NAG D . -1.50 7.62 -14.86
O5 NAG D . -4.11 10.16 -15.48
O6 NAG D . -4.75 6.80 -14.83
O7 NAG D . -1.81 11.60 -19.30
C1 NAG D . -1.24 7.05 -13.62
C2 NAG D . -0.78 5.61 -13.79
C3 NAG D . -0.43 5.00 -12.41
C4 NAG D . 0.58 5.89 -11.68
C5 NAG D . 0.07 7.35 -11.63
C6 NAG D . 1.09 8.30 -11.03
C7 NAG D . -1.58 4.18 -15.57
C8 NAG D . -1.78 2.66 -15.54
N2 NAG D . -1.83 4.82 -14.42
O3 NAG D . 0.12 3.70 -12.59
O4 NAG D . 0.78 5.40 -10.36
O5 NAG D . -0.22 7.82 -12.97
O6 NAG D . 0.86 8.51 -9.64
O7 NAG D . -1.21 4.74 -16.60
C1 NAG E . -31.59 12.84 -23.61
C2 NAG E . -31.85 12.68 -25.11
C3 NAG E . -33.22 13.28 -25.45
C4 NAG E . -34.31 12.71 -24.54
C5 NAG E . -33.91 12.81 -23.07
C6 NAG E . -34.89 12.11 -22.13
C7 NAG E . -29.88 12.65 -26.50
C8 NAG E . -30.19 12.14 -27.90
N2 NAG E . -30.82 13.36 -25.87
O3 NAG E . -33.54 12.99 -26.81
O4 NAG E . -35.52 13.47 -24.74
O5 NAG E . -32.61 12.20 -22.85
O6 NAG E . -35.06 12.84 -20.93
O7 NAG E . -28.78 12.42 -26.01
C1 NAG E . -36.65 12.75 -25.13
C2 NAG E . -37.88 13.63 -24.95
C3 NAG E . -39.13 12.90 -25.46
C4 NAG E . -38.91 12.40 -26.90
C5 NAG E . -37.59 11.60 -26.98
C6 NAG E . -37.24 11.18 -28.41
C7 NAG E . -38.08 15.25 -23.16
C8 NAG E . -36.77 16.02 -23.20
N2 NAG E . -38.05 13.97 -23.54
O3 NAG E . -40.25 13.77 -25.43
O4 NAG E . -40.00 11.56 -27.29
O5 NAG E . -36.49 12.39 -26.51
O6 NAG E . -36.09 10.35 -28.42
O7 NAG E . -39.11 15.80 -22.79
C1 BMA E . -40.67 11.91 -28.45
C2 BMA E . -41.49 10.71 -28.96
C3 BMA E . -42.30 11.12 -30.19
C4 BMA E . -43.14 12.38 -29.91
C5 BMA E . -42.25 13.49 -29.33
C6 BMA E . -43.02 14.74 -28.92
O2 BMA E . -42.36 10.25 -27.93
O3 BMA E . -43.14 10.05 -30.60
O4 BMA E . -43.75 12.82 -31.10
O5 BMA E . -41.54 13.02 -28.17
O6 BMA E . -43.87 14.48 -27.80
C1 NAG F . -8.58 11.70 -31.43
C2 NAG F . -8.34 13.08 -32.07
C3 NAG F . -8.47 12.97 -33.59
C4 NAG F . -7.53 11.88 -34.13
C5 NAG F . -7.75 10.56 -33.37
C6 NAG F . -6.73 9.50 -33.75
C7 NAG F . -8.88 15.28 -31.18
C8 NAG F . -9.96 16.32 -30.96
N2 NAG F . -9.28 14.06 -31.55
O3 NAG F . -8.15 14.22 -34.19
O4 NAG F . -7.74 11.69 -35.53
O5 NAG F . -7.64 10.75 -31.94
O6 NAG F . -7.21 8.20 -33.44
O7 NAG F . -7.70 15.58 -31.02
C1 NAG F . -6.60 11.60 -36.33
C2 NAG F . -7.01 11.17 -37.75
C3 NAG F . -5.78 11.20 -38.68
C4 NAG F . -5.07 12.55 -38.60
C5 NAG F . -4.77 12.91 -37.14
C6 NAG F . -4.15 14.29 -36.97
C7 NAG F . -8.87 9.65 -37.98
C8 NAG F . -9.25 9.30 -39.41
N2 NAG F . -7.58 9.83 -37.72
O3 NAG F . -6.18 10.94 -40.02
O4 NAG F . -3.87 12.51 -39.35
O5 NAG F . -5.99 12.90 -36.37
O6 NAG F . -5.13 15.31 -36.95
O7 NAG F . -9.74 9.76 -37.12
C1 NAG G . -33.47 4.37 -17.62
C2 NAG G . -34.79 4.62 -16.88
C3 NAG G . -35.54 3.29 -16.71
C4 NAG G . -35.68 2.56 -18.06
C5 NAG G . -34.31 2.44 -18.74
C6 NAG G . -34.39 1.84 -20.13
C7 NAG G . -35.04 6.34 -15.22
C8 NAG G . -36.36 6.30 -14.47
N2 NAG G . -34.50 5.18 -15.58
O3 NAG G . -36.83 3.55 -16.17
O4 NAG G . -36.21 1.24 -17.84
O5 NAG G . -33.72 3.75 -18.89
O6 NAG G . -33.54 0.70 -20.24
O7 NAG G . -34.51 7.43 -15.47
C1 NAG G . -37.51 1.03 -18.27
C2 NAG G . -37.67 -0.40 -18.80
C3 NAG G . -39.14 -0.65 -19.19
C4 NAG G . -40.07 -0.30 -18.02
C5 NAG G . -39.78 1.12 -17.50
C6 NAG G . -40.59 1.48 -16.27
C7 NAG G . -36.12 -1.72 -20.12
C8 NAG G . -36.44 -2.54 -21.36
N2 NAG G . -36.80 -0.59 -19.95
O3 NAG G . -39.32 -2.02 -19.54
O4 NAG G . -41.43 -0.39 -18.45
O5 NAG G . -38.38 1.24 -17.15
O6 NAG G . -40.06 2.62 -15.60
O7 NAG G . -35.25 -2.11 -19.33
C1 NAG H . -29.01 -25.98 -6.71
C2 NAG H . -29.40 -26.92 -7.88
C3 NAG H . -30.85 -27.43 -7.69
C4 NAG H . -31.02 -28.05 -6.31
C5 NAG H . -30.62 -27.02 -5.25
C6 NAG H . -30.75 -27.55 -3.83
C7 NAG H . -28.12 -26.27 -9.83
C8 NAG H . -27.36 -24.98 -9.98
N2 NAG H . -29.27 -26.22 -9.14
O4 NAG H . -32.38 -28.47 -6.11
O5 NAG H . -29.24 -26.63 -5.45
O6 NAG H . -29.82 -28.64 -3.62
O7 NAG H . -27.67 -27.31 -10.30
C1 NAG H . -32.58 -29.70 -5.49
C2 NAG H . -34.09 -29.97 -5.34
C3 NAG H . -34.30 -31.36 -4.72
C4 NAG H . -33.57 -32.43 -5.54
C5 NAG H . -32.08 -32.04 -5.71
C6 NAG H . -31.34 -32.99 -6.64
C7 NAG H . -35.53 -28.06 -5.06
C8 NAG H . -36.98 -28.48 -5.24
N2 NAG H . -34.71 -28.95 -4.51
O3 NAG H . -35.70 -31.66 -4.68
O4 NAG H . -33.66 -33.69 -4.89
O5 NAG H . -31.98 -30.72 -6.30
O6 NAG H . -29.95 -32.68 -6.69
O7 NAG H . -35.15 -26.94 -5.41
C1 FUC H . -30.07 -29.36 -2.44
C2 FUC H . -29.12 -30.56 -2.35
C3 FUC H . -27.67 -30.08 -2.09
C4 FUC H . -27.63 -29.17 -0.85
C5 FUC H . -28.64 -28.02 -1.00
C6 FUC H . -28.74 -27.14 0.23
O2 FUC H . -29.16 -31.31 -3.55
O3 FUC H . -26.81 -31.19 -1.90
O4 FUC H . -27.91 -29.91 0.33
O5 FUC H . -29.97 -28.55 -1.27
C1 NAG I . -9.14 -8.17 0.64
C2 NAG I . -7.61 -8.24 0.67
C3 NAG I . -7.12 -7.77 2.03
C4 NAG I . -7.64 -6.34 2.32
C5 NAG I . -9.17 -6.31 2.17
C6 NAG I . -9.74 -4.91 2.31
C7 NAG I . -6.18 -9.86 -0.42
C8 NAG I . -5.57 -11.24 -0.38
N2 NAG I . -7.17 -9.60 0.43
O3 NAG I . -5.70 -7.78 2.06
O4 NAG I . -7.31 -5.97 3.68
O5 NAG I . -9.56 -6.81 0.86
O6 NAG I . -9.17 -4.02 1.36
O7 NAG I . -5.75 -9.03 -1.24
C1 NAG I . -6.16 -5.23 3.88
C2 NAG I . -6.36 -4.28 5.08
C3 NAG I . -5.05 -3.58 5.44
C4 NAG I . -3.92 -4.58 5.61
C5 NAG I . -3.84 -5.51 4.39
C6 NAG I . -2.81 -6.62 4.56
C7 NAG I . -8.49 -3.22 5.49
C8 NAG I . -9.34 -1.98 5.29
N2 NAG I . -7.37 -3.30 4.76
O3 NAG I . -5.24 -2.85 6.65
O4 NAG I . -2.67 -3.87 5.76
O5 NAG I . -5.11 -6.16 4.18
O6 NAG I . -3.20 -7.53 5.59
O7 NAG I . -8.83 -4.10 6.29
C1 BMA I . -1.96 -4.10 6.94
C2 BMA I . -0.47 -3.91 6.69
C3 BMA I . 0.30 -4.08 8.01
C4 BMA I . -0.29 -3.20 9.13
C5 BMA I . -1.82 -3.34 9.21
C6 BMA I . -2.52 -2.34 10.16
O2 BMA I . -0.22 -2.62 6.15
O3 BMA I . 1.68 -3.73 7.81
O4 BMA I . 0.29 -3.60 10.37
O5 BMA I . -2.43 -3.15 7.91
O6 BMA I . -1.60 -1.86 11.17
C1 MAN I . 2.47 -4.69 7.17
C2 MAN I . 2.99 -5.72 8.18
C3 MAN I . 4.35 -6.30 7.73
C4 MAN I . 4.41 -6.41 6.21
C5 MAN I . 4.26 -5.01 5.56
C6 MAN I . 3.51 -5.05 4.25
O2 MAN I . 2.05 -6.77 8.33
O3 MAN I . 4.57 -7.58 8.33
O4 MAN I . 5.63 -7.00 5.81
O5 MAN I . 3.56 -4.11 6.44
O6 MAN I . 3.95 -4.01 3.37
C1 BMA I . -1.02 -0.64 10.82
C2 BMA I . -2.01 0.52 11.00
C3 BMA I . -1.35 1.83 10.54
C4 BMA I . 0.00 2.05 11.25
C5 BMA I . 0.89 0.80 11.11
C6 BMA I . 2.17 0.88 11.94
O2 BMA I . -2.42 0.62 12.36
O3 BMA I . -2.21 2.93 10.81
O4 BMA I . 0.66 3.18 10.67
O5 BMA I . 0.17 -0.37 11.55
O6 BMA I . 3.13 -0.05 11.49
C1 NAG J . 2.19 -29.80 -9.07
C2 NAG J . 1.07 -29.87 -10.12
C3 NAG J . 1.59 -30.49 -11.44
C4 NAG J . 2.85 -29.78 -11.90
C5 NAG J . 3.89 -29.69 -10.77
C6 NAG J . 5.11 -28.87 -11.14
C7 NAG J . -1.30 -30.27 -9.79
C8 NAG J . -1.58 -28.86 -10.28
N2 NAG J . -0.04 -30.65 -9.60
O3 NAG J . 0.58 -30.39 -12.43
O4 NAG J . 3.41 -30.48 -13.03
O5 NAG J . 3.31 -29.08 -9.60
O6 NAG J . 4.71 -27.52 -11.45
O7 NAG J . -2.24 -31.03 -9.58
C1 NAG J . 3.45 -29.82 -14.25
C2 NAG J . 4.47 -30.48 -15.18
C3 NAG J . 4.03 -30.46 -16.66
C4 NAG J . 3.15 -29.23 -17.00
C5 NAG J . 2.00 -29.03 -15.99
C6 NAG J . 0.63 -29.31 -16.60
C7 NAG J . 6.66 -30.30 -14.18
C8 NAG J . 7.46 -29.25 -13.40
N2 NAG J . 5.77 -29.84 -15.06
O3 NAG J . 3.34 -31.65 -16.98
O4 NAG J . 3.95 -28.07 -17.06
O5 NAG J . 2.13 -29.90 -14.84
O6 NAG J . 0.36 -30.70 -16.67
O7 NAG J . 6.84 -31.50 -13.96
C1 FUC J . 5.80 -26.69 -11.76
C2 FUC J . 5.35 -25.50 -12.64
C3 FUC J . 4.48 -24.54 -11.83
C4 FUC J . 5.21 -24.10 -10.55
C5 FUC J . 5.67 -25.32 -9.76
C6 FUC J . 6.52 -24.98 -8.54
O2 FUC J . 4.62 -25.98 -13.76
O3 FUC J . 4.15 -23.40 -12.62
O4 FUC J . 6.33 -23.27 -10.88
O5 FUC J . 6.48 -26.20 -10.59
C1 NAG K . 30.67 -21.23 8.55
C2 NAG K . 31.47 -20.85 7.28
C3 NAG K . 32.95 -21.31 7.37
C4 NAG K . 33.58 -20.84 8.71
C5 NAG K . 32.69 -21.36 9.86
C6 NAG K . 33.21 -21.05 11.26
C7 NAG K . 31.09 -22.56 5.56
C8 NAG K . 32.16 -22.62 4.46
N2 NAG K . 30.82 -21.36 6.07
O3 NAG K . 33.67 -20.75 6.27
O4 NAG K . 34.96 -21.32 8.91
O5 NAG K . 31.37 -20.79 9.73
O6 NAG K . 33.61 -19.70 11.41
O7 NAG K . 30.52 -23.59 5.90
C1 NDG K . 35.77 -21.70 7.86
C2 NDG K . 37.11 -22.26 8.39
C3 NDG K . 37.99 -21.15 9.00
C4 NDG K . 38.12 -19.96 8.06
C5 NDG K . 36.72 -19.49 7.65
C6 NDG K . 36.74 -18.31 6.68
C7 NDG K . 37.22 -24.55 9.18
C8 NDG K . 38.62 -24.95 9.63
O5 NDG K . 36.00 -20.56 7.00
O3 NDG K . 39.29 -21.67 9.29
O4 NDG K . 38.82 -18.91 8.70
O6 NDG K . 36.94 -18.73 5.34
O7 NDG K . 36.49 -25.37 8.63
N2 NDG K . 36.85 -23.29 9.39
C1 NAG L . 4.87 29.69 -32.63
C2 NAG L . 6.05 30.65 -32.93
C3 NAG L . 5.98 31.20 -34.36
C4 NAG L . 5.83 30.04 -35.36
C5 NAG L . 4.64 29.15 -34.96
C6 NAG L . 4.45 27.95 -35.88
C7 NAG L . 7.14 32.15 -31.38
C8 NAG L . 7.84 33.39 -31.93
N2 NAG L . 6.02 31.77 -31.98
O3 NAG L . 7.16 31.93 -34.66
O4 NAG L . 5.62 30.57 -36.67
O5 NAG L . 4.83 28.65 -33.62
O6 NAG L . 5.58 27.08 -35.87
O7 NAG L . 7.63 31.55 -30.42
C1 GLC M . -5.82 -13.01 6.76
C2 GLC M . -6.95 -12.20 6.06
C3 GLC M . -6.42 -11.69 4.70
C4 GLC M . -5.20 -10.84 4.83
C5 GLC M . -4.09 -11.69 5.55
C6 GLC M . -2.86 -10.82 5.57
O1 GLC M . -5.50 -14.25 6.13
O2 GLC M . -8.11 -13.03 5.92
O3 GLC M . -7.43 -10.92 4.03
O4 GLC M . -4.75 -10.40 3.54
O5 GLC M . -4.58 -12.12 6.90
O6 GLC M . -3.05 -10.02 6.75
C1 GLC N . 11.01 -41.99 13.31
C2 GLC N . 12.04 -41.52 14.37
C3 GLC N . 12.54 -42.75 15.14
C4 GLC N . 11.42 -43.50 15.83
C5 GLC N . 10.39 -43.94 14.73
C6 GLC N . 9.35 -44.75 15.48
O1 GLC N . 11.55 -42.78 12.27
O2 GLC N . 13.09 -40.82 13.70
O3 GLC N . 13.49 -42.37 16.15
O4 GLC N . 11.93 -44.63 16.54
O5 GLC N . 9.87 -42.74 14.03
O6 GLC N . 8.41 -43.76 15.95
S SO4 O . -32.43 -28.04 -9.42
O1 SO4 O . -32.93 -29.22 -10.15
O2 SO4 O . -33.50 -27.58 -8.50
O3 SO4 O . -31.18 -28.40 -8.69
O4 SO4 O . -32.14 -26.97 -10.41
S SO4 P . -7.71 -0.46 -5.94
O1 SO4 P . -6.62 -0.04 -6.84
O2 SO4 P . -8.15 -1.81 -6.29
O3 SO4 P . -7.21 -0.46 -4.54
O4 SO4 P . -8.84 0.47 -6.06
S SO4 Q . 1.26 -14.54 16.84
O1 SO4 Q . 1.84 -14.60 18.18
O2 SO4 Q . 2.24 -15.04 15.85
O3 SO4 Q . 0.05 -15.37 16.78
O4 SO4 Q . 0.90 -13.14 16.51
C1 BME R . -9.02 -4.73 -26.22
C2 BME R . -9.41 -4.33 -24.80
O1 BME R . -7.76 -4.19 -26.55
S2 BME R . -11.03 -5.06 -24.41
#